data_9N7R
#
_entry.id   9N7R
#
_cell.length_a   48.190
_cell.length_b   76.690
_cell.length_c   85.870
_cell.angle_alpha   90.00
_cell.angle_beta   95.82
_cell.angle_gamma   90.00
#
_symmetry.space_group_name_H-M   'P 1 21 1'
#
loop_
_entity.id
_entity.type
_entity.pdbx_description
1 polymer 'Mitogen-activated protein kinase kinase kinase kinase 1'
2 non-polymer 1,2-ETHANEDIOL
3 non-polymer GLYCEROL
4 non-polymer 'DIMETHYL SULFOXIDE'
5 non-polymer "N-(3,5-difluoro-4-{[3-(trifluoromethyl)-1H-pyrrolo[2,3-b]pyridin-4-yl]oxy}phenyl)-N'-[3-(morpholin-4-yl)propyl]urea"
6 water water
#
_entity_poly.entity_id   1
_entity_poly.type   'polypeptide(L)'
_entity_poly.pdbx_seq_one_letter_code
;MHHHHHHGENLYFQGSDVVDPDIFNRDPRDHYDLLQRLGGGTYGEVFKARDKVSGDLVALKMVKMEPDDDVSTLQKEILI
LKTCRHANIVAYHGSYLWLQKLWICMEFCGAGSLQDIYQVTGSLSELQISYVCREVLQGLAYLHSQKKIHRDIKGANILI
NDAGEVRLADFGISAQIGAELARRLEFIGTPYWMAPEVAAVALKGGYNELCDIWSLGITAIELAELQPPLFDVHPLRVLF
LMTKSGYQPPRLKEKGKWSAAFHNFIKVTLTKSPKKRPSATKMLSHQLVSQPGLNRGLILDLLDKLKNGNS
;
_entity_poly.pdbx_strand_id   A,B
#
loop_
_chem_comp.id
_chem_comp.type
_chem_comp.name
_chem_comp.formula
A1BWC non-polymer N-(3,5-difluoro-4-{[3-(trifluoromethyl)-1H-pyrrolo[2,3-b]pyridin-4-yl]oxy}phenyl)-N'-[3-(morpholin-4-yl)propyl]urea 'C22 H22 F5 N5 O3'
DMS non-polymer 'DIMETHYL SULFOXIDE' 'C2 H6 O S'
EDO non-polymer 1,2-ETHANEDIOL 'C2 H6 O2'
GOL non-polymer GLYCEROL 'C3 H8 O3'
#
# COMPACT_ATOMS: atom_id res chain seq x y z
N PRO A 21 19.87 -2.84 26.02
CA PRO A 21 18.87 -3.90 25.83
C PRO A 21 17.65 -3.43 25.05
N ASP A 22 17.84 -3.24 23.74
CA ASP A 22 16.74 -2.82 22.88
C ASP A 22 15.59 -3.83 22.96
N ILE A 23 15.85 -5.06 22.57
CA ILE A 23 14.90 -6.17 22.67
C ILE A 23 15.49 -7.19 23.64
N PHE A 24 14.63 -7.75 24.50
CA PHE A 24 15.09 -8.70 25.50
C PHE A 24 15.33 -10.06 24.86
N ASN A 25 16.53 -10.60 25.06
CA ASN A 25 16.86 -11.98 24.70
C ASN A 25 16.38 -12.92 25.79
N ARG A 26 15.06 -12.93 25.99
CA ARG A 26 14.41 -13.61 27.10
C ARG A 26 13.04 -14.10 26.67
N ASP A 27 12.63 -15.23 27.24
CA ASP A 27 11.25 -15.68 27.12
C ASP A 27 10.36 -14.82 28.00
N PRO A 28 9.36 -14.11 27.45
CA PRO A 28 8.51 -13.27 28.32
C PRO A 28 7.78 -14.05 29.38
N ARG A 29 7.52 -15.34 29.14
CA ARG A 29 6.87 -16.19 30.13
C ARG A 29 7.70 -16.32 31.40
N ASP A 30 8.97 -15.93 31.37
CA ASP A 30 9.75 -15.86 32.60
C ASP A 30 9.27 -14.73 33.50
N HIS A 31 8.69 -13.68 32.92
CA HIS A 31 8.22 -12.52 33.67
C HIS A 31 6.70 -12.43 33.77
N TYR A 32 5.95 -13.05 32.87
CA TYR A 32 4.51 -12.89 32.81
C TYR A 32 3.81 -14.23 32.77
N ASP A 33 2.61 -14.28 33.35
CA ASP A 33 1.68 -15.39 33.21
C ASP A 33 0.62 -15.01 32.19
N LEU A 34 0.53 -15.78 31.10
CA LEU A 34 -0.51 -15.57 30.10
C LEU A 34 -1.86 -16.00 30.67
N LEU A 35 -2.82 -15.09 30.67
CA LEU A 35 -4.13 -15.37 31.23
C LEU A 35 -5.17 -15.73 30.19
N GLN A 36 -5.12 -15.10 29.02
CA GLN A 36 -6.24 -15.17 28.10
C GLN A 36 -5.80 -14.63 26.74
N ARG A 37 -6.19 -15.34 25.68
CA ARG A 37 -6.03 -14.82 24.33
C ARG A 37 -7.16 -13.86 24.03
N LEU A 38 -6.84 -12.59 23.79
CA LEU A 38 -7.84 -11.56 23.56
C LEU A 38 -8.27 -11.46 22.10
N GLY A 39 -7.39 -11.79 21.18
CA GLY A 39 -7.72 -11.70 19.77
C GLY A 39 -6.49 -12.07 18.97
N GLY A 40 -6.71 -12.19 17.67
CA GLY A 40 -5.64 -12.52 16.75
C GLY A 40 -6.04 -12.15 15.34
N GLY A 41 -5.05 -11.75 14.56
CA GLY A 41 -5.29 -11.38 13.18
C GLY A 41 -3.99 -11.06 12.50
N THR A 42 -4.08 -10.28 11.42
CA THR A 42 -2.88 -9.86 10.70
C THR A 42 -1.98 -9.00 11.57
N TYR A 43 -2.54 -8.35 12.58
CA TYR A 43 -1.78 -7.56 13.55
C TYR A 43 -1.00 -8.40 14.55
N GLY A 44 -1.14 -9.71 14.51
CA GLY A 44 -0.53 -10.59 15.50
C GLY A 44 -1.57 -11.21 16.42
N GLU A 45 -1.09 -11.78 17.51
CA GLU A 45 -1.95 -12.37 18.53
C GLU A 45 -1.72 -11.65 19.85
N VAL A 46 -2.81 -11.25 20.51
CA VAL A 46 -2.77 -10.40 21.69
C VAL A 46 -3.29 -11.17 22.89
N PHE A 47 -2.53 -11.16 23.99
CA PHE A 47 -2.85 -11.91 25.19
C PHE A 47 -2.98 -10.98 26.38
N LYS A 48 -3.95 -11.28 27.23
CA LYS A 48 -4.00 -10.73 28.57
C LYS A 48 -2.99 -11.48 29.42
N ALA A 49 -2.19 -10.76 30.21
CA ALA A 49 -1.13 -11.37 30.99
C ALA A 49 -0.94 -10.60 32.30
N ARG A 50 -0.37 -11.28 33.30
CA ARG A 50 -0.10 -10.71 34.61
C ARG A 50 1.40 -10.77 34.92
N ASP A 51 1.94 -9.61 35.29
CA ASP A 51 3.32 -9.54 35.79
C ASP A 51 3.46 -10.43 37.02
N LYS A 52 4.49 -11.28 37.01
CA LYS A 52 4.70 -12.23 38.10
C LYS A 52 5.16 -11.54 39.38
N VAL A 53 5.82 -10.38 39.27
CA VAL A 53 6.33 -9.68 40.44
C VAL A 53 5.29 -8.70 40.96
N SER A 54 4.90 -7.73 40.11
CA SER A 54 4.04 -6.64 40.55
C SER A 54 2.57 -7.03 40.60
N GLY A 55 2.14 -8.01 39.81
CA GLY A 55 0.73 -8.32 39.70
C GLY A 55 -0.03 -7.44 38.72
N ASP A 56 0.65 -6.49 38.06
CA ASP A 56 0.01 -5.66 37.06
C ASP A 56 -0.46 -6.50 35.87
N LEU A 57 -1.62 -6.14 35.34
CA LEU A 57 -2.06 -6.68 34.07
C LEU A 57 -1.38 -5.93 32.92
N VAL A 58 -1.07 -6.67 31.86
CA VAL A 58 -0.53 -6.10 30.64
C VAL A 58 -1.18 -6.81 29.45
N ALA A 59 -0.94 -6.26 28.28
CA ALA A 59 -1.25 -6.94 27.03
C ALA A 59 0.07 -7.32 26.37
N LEU A 60 0.16 -8.57 25.91
CA LEU A 60 1.30 -9.06 25.16
C LEU A 60 0.85 -9.33 23.73
N LYS A 61 1.44 -8.63 22.77
CA LYS A 61 1.23 -8.89 21.36
C LYS A 61 2.40 -9.69 20.82
N MET A 62 2.09 -10.84 20.21
CA MET A 62 3.09 -11.76 19.70
C MET A 62 3.03 -11.78 18.18
N VAL A 63 4.20 -11.69 17.54
CA VAL A 63 4.34 -11.74 16.09
C VAL A 63 5.31 -12.86 15.75
N LYS A 64 4.90 -13.75 14.86
CA LYS A 64 5.73 -14.87 14.46
C LYS A 64 6.76 -14.43 13.40
N MET A 65 8.01 -14.86 13.59
CA MET A 65 9.09 -14.49 12.69
C MET A 65 9.14 -15.41 11.47
N GLU A 66 9.48 -14.83 10.32
CA GLU A 66 9.76 -15.58 9.11
C GLU A 66 11.23 -15.95 9.07
N PRO A 67 11.62 -16.92 8.24
CA PRO A 67 13.04 -17.31 8.20
C PRO A 67 13.98 -16.18 7.81
N ASP A 68 13.54 -15.23 6.99
CA ASP A 68 14.38 -14.12 6.56
C ASP A 68 14.22 -12.85 7.39
N ASP A 69 13.39 -12.87 8.44
CA ASP A 69 13.15 -11.63 9.18
C ASP A 69 14.41 -11.20 9.92
N ASP A 70 14.58 -9.88 10.00
CA ASP A 70 15.75 -9.25 10.58
C ASP A 70 15.26 -8.18 11.57
N VAL A 71 15.30 -8.51 12.86
CA VAL A 71 14.78 -7.59 13.87
C VAL A 71 15.57 -6.29 13.95
N SER A 72 16.82 -6.29 13.47
CA SER A 72 17.61 -5.06 13.49
C SER A 72 17.01 -3.99 12.60
N THR A 73 16.21 -4.38 11.61
CA THR A 73 15.52 -3.41 10.78
C THR A 73 14.42 -2.68 11.54
N LEU A 74 14.13 -3.09 12.78
CA LEU A 74 13.12 -2.46 13.63
C LEU A 74 13.73 -1.48 14.62
N GLN A 75 15.03 -1.21 14.53
CA GLN A 75 15.72 -0.49 15.59
C GLN A 75 15.15 0.91 15.77
N LYS A 76 14.85 1.60 14.67
CA LYS A 76 14.34 2.97 14.78
C LYS A 76 12.91 3.02 15.27
N GLU A 77 12.08 2.03 14.90
CA GLU A 77 10.72 2.01 15.43
C GLU A 77 10.72 1.70 16.91
N ILE A 78 11.64 0.85 17.36
CA ILE A 78 11.71 0.51 18.79
C ILE A 78 12.17 1.71 19.60
N LEU A 79 13.09 2.49 19.05
CA LEU A 79 13.53 3.71 19.75
C LEU A 79 12.38 4.68 19.95
N ILE A 80 11.51 4.81 18.94
CA ILE A 80 10.34 5.68 19.06
C ILE A 80 9.40 5.17 20.15
N LEU A 81 9.15 3.86 20.17
CA LEU A 81 8.31 3.28 21.22
C LEU A 81 8.88 3.53 22.61
N LYS A 82 10.21 3.57 22.74
CA LYS A 82 10.83 3.80 24.03
C LYS A 82 10.73 5.26 24.46
N THR A 83 10.84 6.19 23.51
CA THR A 83 10.98 7.60 23.83
C THR A 83 9.66 8.35 23.81
N CYS A 84 8.67 7.90 23.05
CA CYS A 84 7.36 8.53 23.02
C CYS A 84 6.51 7.97 24.15
N ARG A 85 6.09 8.83 25.07
CA ARG A 85 5.30 8.41 26.21
C ARG A 85 4.32 9.51 26.56
N HIS A 86 3.06 9.14 26.76
CA HIS A 86 2.00 10.07 27.14
C HIS A 86 0.82 9.27 27.68
N ALA A 87 0.10 9.86 28.64
CA ALA A 87 -1.00 9.16 29.28
C ALA A 87 -2.01 8.62 28.26
N ASN A 88 -2.26 9.38 27.19
CA ASN A 88 -3.32 9.06 26.25
C ASN A 88 -2.86 8.25 25.04
N ILE A 89 -1.67 7.64 25.10
CA ILE A 89 -1.24 6.67 24.12
C ILE A 89 -0.83 5.40 24.86
N VAL A 90 -1.21 4.24 24.31
CA VAL A 90 -0.96 2.97 24.97
C VAL A 90 0.50 2.90 25.39
N ALA A 91 0.74 2.57 26.65
CA ALA A 91 2.10 2.59 27.19
C ALA A 91 2.89 1.38 26.70
N TYR A 92 4.10 1.63 26.23
CA TYR A 92 5.03 0.57 25.81
C TYR A 92 5.91 0.18 26.99
N HIS A 93 5.99 -1.13 27.28
CA HIS A 93 6.78 -1.61 28.42
C HIS A 93 8.02 -2.40 28.03
N GLY A 94 8.12 -2.89 26.81
CA GLY A 94 9.31 -3.58 26.37
C GLY A 94 9.00 -4.61 25.31
N SER A 95 10.06 -5.13 24.70
CA SER A 95 9.97 -6.13 23.64
C SER A 95 10.85 -7.32 23.98
N TYR A 96 10.39 -8.51 23.54
CA TYR A 96 11.11 -9.76 23.76
C TYR A 96 11.22 -10.53 22.45
N LEU A 97 12.37 -11.16 22.23
CA LEU A 97 12.54 -12.11 21.14
C LEU A 97 12.96 -13.45 21.71
N TRP A 98 12.21 -14.50 21.38
CA TRP A 98 12.55 -15.83 21.88
C TRP A 98 11.92 -16.88 20.98
N LEU A 99 12.76 -17.80 20.47
CA LEU A 99 12.29 -18.92 19.66
C LEU A 99 11.37 -18.44 18.53
N GLN A 100 11.83 -17.41 17.80
CA GLN A 100 11.18 -16.93 16.59
C GLN A 100 9.80 -16.32 16.85
N LYS A 101 9.55 -15.88 18.08
CA LYS A 101 8.35 -15.13 18.43
C LYS A 101 8.81 -13.78 18.99
N LEU A 102 8.31 -12.70 18.39
CA LEU A 102 8.58 -11.35 18.86
C LEU A 102 7.37 -10.89 19.68
N TRP A 103 7.62 -10.52 20.94
CA TRP A 103 6.56 -10.08 21.85
C TRP A 103 6.74 -8.61 22.18
N ILE A 104 5.63 -7.86 22.16
CA ILE A 104 5.61 -6.47 22.58
C ILE A 104 4.70 -6.36 23.80
N CYS A 105 5.23 -5.79 24.88
CA CYS A 105 4.49 -5.67 26.12
C CYS A 105 3.92 -4.26 26.25
N MET A 106 2.61 -4.17 26.46
CA MET A 106 1.90 -2.90 26.45
C MET A 106 0.92 -2.83 27.59
N GLU A 107 0.53 -1.60 27.89
CA GLU A 107 -0.58 -1.31 28.81
C GLU A 107 -1.82 -2.11 28.41
N PHE A 108 -2.57 -2.54 29.42
CA PHE A 108 -3.78 -3.33 29.22
C PHE A 108 -5.01 -2.43 29.26
N CYS A 109 -5.88 -2.58 28.27
CA CYS A 109 -7.12 -1.81 28.16
C CYS A 109 -8.29 -2.80 28.07
N GLY A 110 -8.92 -3.05 29.22
CA GLY A 110 -9.78 -4.20 29.38
C GLY A 110 -11.10 -4.14 28.64
N ALA A 111 -11.50 -2.97 28.17
CA ALA A 111 -12.78 -2.82 27.47
C ALA A 111 -12.61 -2.81 25.95
N GLY A 112 -11.39 -2.94 25.43
CA GLY A 112 -11.19 -3.02 24.00
C GLY A 112 -11.27 -1.66 23.33
N SER A 113 -11.63 -1.69 22.05
CA SER A 113 -11.73 -0.48 21.25
C SER A 113 -13.13 0.11 21.35
N LEU A 114 -13.24 1.40 21.06
CA LEU A 114 -14.54 2.04 21.00
C LEU A 114 -15.44 1.40 19.94
N GLN A 115 -14.86 0.90 18.84
CA GLN A 115 -15.66 0.15 17.88
C GLN A 115 -16.25 -1.11 18.51
N ASP A 116 -15.44 -1.83 19.29
CA ASP A 116 -15.96 -3.00 19.99
C ASP A 116 -17.11 -2.61 20.91
N ILE A 117 -17.05 -1.42 21.48
CA ILE A 117 -18.02 -1.01 22.47
C ILE A 117 -19.33 -0.55 21.80
N TYR A 118 -19.25 0.37 20.83
CA TYR A 118 -20.49 0.90 20.28
C TYR A 118 -21.23 -0.13 19.44
N GLN A 119 -20.55 -1.17 18.95
CA GLN A 119 -21.27 -2.24 18.28
C GLN A 119 -22.21 -2.98 19.24
N VAL A 120 -21.98 -2.88 20.54
CA VAL A 120 -22.86 -3.47 21.54
C VAL A 120 -23.78 -2.44 22.16
N THR A 121 -23.27 -1.26 22.48
CA THR A 121 -24.04 -0.27 23.22
C THR A 121 -24.89 0.63 22.34
N GLY A 122 -24.53 0.80 21.08
CA GLY A 122 -25.13 1.83 20.26
C GLY A 122 -24.38 3.14 20.40
N SER A 123 -24.93 4.17 19.77
CA SER A 123 -24.18 5.43 19.61
C SER A 123 -23.91 6.08 20.96
N LEU A 124 -22.77 6.74 21.05
CA LEU A 124 -22.41 7.46 22.26
C LEU A 124 -23.16 8.78 22.33
N SER A 125 -23.32 9.27 23.55
CA SER A 125 -23.88 10.59 23.77
C SER A 125 -22.87 11.66 23.41
N GLU A 126 -23.37 12.89 23.21
CA GLU A 126 -22.48 13.98 22.85
C GLU A 126 -21.39 14.18 23.90
N LEU A 127 -21.73 14.08 25.18
CA LEU A 127 -20.75 14.33 26.23
C LEU A 127 -19.70 13.23 26.29
N GLN A 128 -20.11 11.98 26.09
CA GLN A 128 -19.14 10.90 25.98
C GLN A 128 -18.21 11.13 24.78
N ILE A 129 -18.80 11.52 23.64
CA ILE A 129 -17.99 11.82 22.46
C ILE A 129 -17.06 13.00 22.74
N SER A 130 -17.55 14.03 23.45
CA SER A 130 -16.71 15.18 23.77
C SER A 130 -15.53 14.79 24.65
N TYR A 131 -15.78 13.90 25.63
CA TYR A 131 -14.68 13.44 26.46
C TYR A 131 -13.64 12.66 25.65
N VAL A 132 -14.12 11.79 24.75
CA VAL A 132 -13.20 10.99 23.94
C VAL A 132 -12.34 11.89 23.07
N CYS A 133 -12.96 12.85 22.40
CA CYS A 133 -12.20 13.74 21.53
C CYS A 133 -11.16 14.51 22.31
N ARG A 134 -11.51 15.03 23.48
CA ARG A 134 -10.52 15.75 24.27
C ARG A 134 -9.31 14.86 24.56
N GLU A 135 -9.55 13.64 25.01
CA GLU A 135 -8.45 12.73 25.35
C GLU A 135 -7.62 12.35 24.13
N VAL A 136 -8.28 12.17 22.98
CA VAL A 136 -7.56 11.84 21.75
C VAL A 136 -6.73 13.02 21.29
N LEU A 137 -7.27 14.24 21.40
CA LEU A 137 -6.52 15.43 21.02
C LEU A 137 -5.31 15.64 21.92
N GLN A 138 -5.41 15.29 23.20
CA GLN A 138 -4.25 15.39 24.07
C GLN A 138 -3.15 14.46 23.58
N GLY A 139 -3.49 13.21 23.28
CA GLY A 139 -2.53 12.30 22.69
C GLY A 139 -1.94 12.82 21.39
N LEU A 140 -2.80 13.33 20.51
CA LEU A 140 -2.33 13.80 19.21
C LEU A 140 -1.47 15.04 19.35
N ALA A 141 -1.83 15.95 20.26
CA ALA A 141 -0.99 17.11 20.50
C ALA A 141 0.42 16.68 20.91
N TYR A 142 0.52 15.66 21.77
CA TYR A 142 1.84 15.17 22.15
C TYR A 142 2.57 14.54 20.97
N LEU A 143 1.91 13.62 20.27
CA LEU A 143 2.55 12.99 19.11
C LEU A 143 3.08 14.04 18.15
N HIS A 144 2.24 15.01 17.81
CA HIS A 144 2.66 16.04 16.85
C HIS A 144 3.81 16.87 17.39
N SER A 145 3.84 17.13 18.70
CA SER A 145 4.97 17.87 19.26
C SER A 145 6.28 17.11 19.07
N GLN A 146 6.22 15.78 19.08
CA GLN A 146 7.35 14.92 18.79
C GLN A 146 7.56 14.71 17.30
N LYS A 147 6.84 15.44 16.45
CA LYS A 147 6.99 15.36 15.00
C LYS A 147 6.59 13.99 14.45
N LYS A 148 5.64 13.34 15.11
CA LYS A 148 5.08 12.07 14.67
C LYS A 148 3.66 12.27 14.18
N ILE A 149 3.18 11.32 13.38
CA ILE A 149 1.81 11.31 12.88
C ILE A 149 1.20 9.96 13.22
N HIS A 150 -0.07 9.96 13.67
CA HIS A 150 -0.72 8.69 13.98
C HIS A 150 -1.09 7.95 12.70
N ARG A 151 -1.80 8.63 11.80
CA ARG A 151 -2.18 8.23 10.44
C ARG A 151 -3.46 7.41 10.37
N ASP A 152 -3.96 6.88 11.48
CA ASP A 152 -5.08 5.94 11.42
C ASP A 152 -6.01 6.11 12.61
N ILE A 153 -6.39 7.36 12.89
CA ILE A 153 -7.34 7.65 13.95
C ILE A 153 -8.72 7.16 13.52
N LYS A 154 -9.32 6.32 14.35
CA LYS A 154 -10.65 5.77 14.10
C LYS A 154 -11.07 5.04 15.36
N GLY A 155 -12.37 4.68 15.40
CA GLY A 155 -12.90 4.01 16.57
C GLY A 155 -12.15 2.74 16.95
N ALA A 156 -11.73 1.96 15.95
CA ALA A 156 -11.05 0.69 16.22
C ALA A 156 -9.67 0.88 16.84
N ASN A 157 -9.10 2.10 16.77
CA ASN A 157 -7.76 2.36 17.28
C ASN A 157 -7.79 3.24 18.54
N ILE A 158 -8.95 3.43 19.15
CA ILE A 158 -9.07 4.16 20.40
C ILE A 158 -9.52 3.17 21.44
N LEU A 159 -8.62 2.84 22.36
CA LEU A 159 -8.86 1.81 23.37
C LEU A 159 -9.36 2.45 24.67
N ILE A 160 -10.09 1.66 25.44
CA ILE A 160 -10.69 2.08 26.71
C ILE A 160 -10.32 1.06 27.77
N ASN A 161 -9.84 1.53 28.93
CA ASN A 161 -9.56 0.61 30.03
C ASN A 161 -10.73 0.61 31.00
N ASP A 162 -10.66 -0.29 31.98
CA ASP A 162 -11.80 -0.48 32.87
C ASP A 162 -12.04 0.70 33.79
N ALA A 163 -11.08 1.62 33.91
CA ALA A 163 -11.27 2.86 34.63
C ALA A 163 -11.95 3.94 33.80
N GLY A 164 -12.26 3.66 32.53
CA GLY A 164 -12.90 4.64 31.67
C GLY A 164 -11.96 5.60 30.98
N GLU A 165 -10.66 5.31 30.99
CA GLU A 165 -9.65 6.18 30.38
C GLU A 165 -9.37 5.75 28.95
N VAL A 166 -8.87 6.71 28.17
CA VAL A 166 -8.80 6.63 26.71
C VAL A 166 -7.34 6.58 26.27
N ARG A 167 -7.02 5.62 25.38
CA ARG A 167 -5.65 5.36 24.94
C ARG A 167 -5.60 5.10 23.44
N LEU A 168 -4.79 5.88 22.71
CA LEU A 168 -4.57 5.62 21.30
C LEU A 168 -3.70 4.39 21.09
N ALA A 169 -4.07 3.58 20.10
CA ALA A 169 -3.30 2.44 19.64
C ALA A 169 -3.14 2.53 18.13
N ASP A 170 -2.42 1.58 17.56
CA ASP A 170 -2.20 1.51 16.11
C ASP A 170 -2.17 0.05 15.69
N PHE A 171 -2.03 -0.16 14.37
CA PHE A 171 -1.91 -1.51 13.84
C PHE A 171 -0.67 -2.22 14.40
N GLY A 172 0.44 -1.49 14.53
CA GLY A 172 1.60 -1.99 15.23
C GLY A 172 2.71 -2.46 14.30
N ILE A 173 3.79 -2.91 14.94
CA ILE A 173 4.99 -3.34 14.24
C ILE A 173 4.75 -4.55 13.35
N SER A 174 3.61 -5.22 13.47
CA SER A 174 3.36 -6.37 12.61
C SER A 174 3.44 -6.00 11.14
N ALA A 175 3.17 -4.74 10.81
CA ALA A 175 3.32 -4.29 9.42
C ALA A 175 4.78 -4.14 9.02
N GLN A 176 5.70 -4.13 9.98
CA GLN A 176 7.12 -3.96 9.72
C GLN A 176 7.90 -5.26 9.72
N ILE A 177 7.26 -6.39 10.03
CA ILE A 177 7.98 -7.65 10.17
C ILE A 177 6.99 -8.79 10.01
N GLY A 178 7.49 -10.00 9.82
CA GLY A 178 6.63 -11.16 9.79
C GLY A 178 5.91 -11.36 8.47
N ALA A 179 4.83 -12.13 8.53
CA ALA A 179 4.08 -12.47 7.33
C ALA A 179 3.36 -11.26 6.75
N GLU A 180 2.98 -10.30 7.59
CA GLU A 180 2.31 -9.11 7.06
C GLU A 180 3.26 -8.29 6.20
N LEU A 181 4.48 -8.05 6.69
CA LEU A 181 5.49 -7.37 5.89
C LEU A 181 5.71 -8.07 4.55
N ALA A 182 5.81 -9.40 4.58
CA ALA A 182 6.04 -10.14 3.34
C ALA A 182 4.88 -9.94 2.38
N ARG A 183 3.65 -9.90 2.89
CA ARG A 183 2.50 -9.70 2.01
C ARG A 183 2.50 -8.29 1.43
N ARG A 184 2.90 -7.29 2.23
CA ARG A 184 2.92 -5.93 1.73
C ARG A 184 3.97 -5.75 0.64
N LEU A 185 5.16 -6.32 0.83
CA LEU A 185 6.24 -6.16 -0.15
C LEU A 185 5.88 -6.82 -1.47
N GLU A 186 5.24 -7.99 -1.41
CA GLU A 186 4.76 -8.61 -2.63
C GLU A 186 3.78 -7.70 -3.35
N PHE A 187 2.95 -6.98 -2.60
CA PHE A 187 1.92 -6.15 -3.21
C PHE A 187 2.51 -4.95 -3.94
N ILE A 188 3.53 -4.31 -3.36
CA ILE A 188 4.12 -3.14 -4.00
C ILE A 188 5.13 -3.51 -5.08
N GLY A 189 5.36 -4.80 -5.31
CA GLY A 189 6.31 -5.24 -6.32
C GLY A 189 7.75 -5.31 -5.86
N THR A 190 7.99 -5.44 -4.55
CA THR A 190 9.30 -5.30 -3.94
C THR A 190 9.79 -3.87 -4.15
N PRO A 191 10.87 -3.46 -3.49
CA PRO A 191 11.39 -2.10 -3.69
C PRO A 191 12.59 -1.98 -4.62
N TYR A 192 13.09 -3.08 -5.17
CA TYR A 192 14.40 -3.05 -5.82
C TYR A 192 14.38 -2.21 -7.09
N TRP A 193 13.28 -2.23 -7.84
CA TRP A 193 13.13 -1.40 -9.04
C TRP A 193 12.47 -0.07 -8.76
N MET A 194 12.28 0.27 -7.49
CA MET A 194 11.45 1.39 -7.09
C MET A 194 12.27 2.67 -7.08
N ALA A 195 11.67 3.74 -7.61
CA ALA A 195 12.33 5.04 -7.58
C ALA A 195 12.29 5.61 -6.16
N PRO A 196 13.23 6.50 -5.83
CA PRO A 196 13.26 7.04 -4.46
C PRO A 196 11.95 7.67 -4.03
N GLU A 197 11.35 8.52 -4.86
CA GLU A 197 10.11 9.18 -4.45
C GLU A 197 9.00 8.18 -4.19
N VAL A 198 8.98 7.07 -4.94
CA VAL A 198 7.99 6.03 -4.66
C VAL A 198 8.30 5.38 -3.31
N ALA A 199 9.58 5.12 -3.04
CA ALA A 199 9.95 4.56 -1.75
C ALA A 199 9.50 5.44 -0.61
N ALA A 200 9.54 6.76 -0.79
CA ALA A 200 9.09 7.67 0.24
C ALA A 200 7.61 7.46 0.54
N VAL A 201 6.80 7.32 -0.52
CA VAL A 201 5.37 7.11 -0.31
C VAL A 201 5.12 5.75 0.35
N ALA A 202 5.84 4.71 -0.09
CA ALA A 202 5.65 3.39 0.50
C ALA A 202 5.92 3.38 2.00
N LEU A 203 6.71 4.33 2.50
CA LEU A 203 6.91 4.48 3.93
C LEU A 203 5.95 5.50 4.54
N LYS A 204 4.93 5.93 3.79
CA LYS A 204 3.81 6.72 4.28
C LYS A 204 4.19 8.19 4.50
N GLY A 205 4.93 8.75 3.55
CA GLY A 205 5.15 10.18 3.46
C GLY A 205 4.15 10.85 2.53
N GLY A 206 4.41 12.12 2.24
CA GLY A 206 3.61 12.88 1.31
C GLY A 206 2.45 13.63 1.91
N TYR A 207 2.36 13.71 3.23
CA TYR A 207 1.30 14.44 3.92
C TYR A 207 1.74 14.64 5.37
N ASN A 208 1.02 15.49 6.08
CA ASN A 208 1.46 15.99 7.37
C ASN A 208 0.47 15.61 8.48
N GLU A 209 0.77 16.11 9.68
CA GLU A 209 0.08 15.65 10.87
C GLU A 209 -1.36 16.15 10.96
N LEU A 210 -1.73 17.16 10.18
CA LEU A 210 -3.10 17.66 10.23
C LEU A 210 -4.11 16.67 9.65
N CYS A 211 -3.64 15.60 9.00
CA CYS A 211 -4.56 14.54 8.57
C CYS A 211 -5.24 13.87 9.77
N ASP A 212 -4.54 13.79 10.90
CA ASP A 212 -5.12 13.21 12.11
C ASP A 212 -6.31 14.02 12.61
N ILE A 213 -6.30 15.34 12.41
CA ILE A 213 -7.42 16.18 12.85
C ILE A 213 -8.67 15.87 12.04
N TRP A 214 -8.53 15.79 10.71
CA TRP A 214 -9.65 15.37 9.87
C TRP A 214 -10.16 14.00 10.32
N SER A 215 -9.23 13.05 10.52
CA SER A 215 -9.64 11.72 10.92
C SER A 215 -10.40 11.73 12.25
N LEU A 216 -10.04 12.65 13.15
CA LEU A 216 -10.77 12.72 14.41
C LEU A 216 -12.20 13.18 14.18
N GLY A 217 -12.39 14.15 13.28
CA GLY A 217 -13.73 14.59 12.94
C GLY A 217 -14.60 13.46 12.41
N ILE A 218 -14.04 12.63 11.53
CA ILE A 218 -14.78 11.48 11.03
C ILE A 218 -15.08 10.52 12.16
N THR A 219 -14.14 10.35 13.10
CA THR A 219 -14.35 9.43 14.20
C THR A 219 -15.48 9.90 15.10
N ALA A 220 -15.58 11.21 15.31
CA ALA A 220 -16.68 11.75 16.10
C ALA A 220 -18.03 11.46 15.45
N ILE A 221 -18.10 11.54 14.12
CA ILE A 221 -19.33 11.13 13.44
C ILE A 221 -19.54 9.63 13.61
N GLU A 222 -18.44 8.85 13.56
CA GLU A 222 -18.53 7.40 13.72
C GLU A 222 -19.08 7.03 15.09
N LEU A 223 -18.67 7.76 16.14
CA LEU A 223 -19.16 7.44 17.47
C LEU A 223 -20.62 7.87 17.64
N ALA A 224 -21.07 8.84 16.86
CA ALA A 224 -22.43 9.33 16.93
C ALA A 224 -23.40 8.52 16.08
N GLU A 225 -22.94 7.94 14.97
CA GLU A 225 -23.83 7.32 14.00
C GLU A 225 -23.51 5.87 13.70
N LEU A 226 -22.47 5.29 14.31
CA LEU A 226 -22.11 3.87 14.21
C LEU A 226 -21.40 3.53 12.90
N GLN A 227 -21.07 4.52 12.09
CA GLN A 227 -20.24 4.27 10.91
C GLN A 227 -19.75 5.61 10.41
N PRO A 228 -18.62 5.68 9.72
CA PRO A 228 -18.18 6.94 9.14
C PRO A 228 -19.10 7.33 8.00
N PRO A 229 -19.03 8.59 7.55
CA PRO A 229 -19.81 8.99 6.37
C PRO A 229 -19.46 8.17 5.14
N LEU A 230 -20.47 7.89 4.32
CA LEU A 230 -20.35 7.21 3.03
C LEU A 230 -19.96 5.75 3.17
N PHE A 231 -20.04 5.19 4.38
CA PHE A 231 -19.62 3.82 4.61
C PHE A 231 -20.41 2.82 3.78
N ASP A 232 -21.59 3.19 3.29
CA ASP A 232 -22.37 2.33 2.41
C ASP A 232 -22.02 2.53 0.94
N VAL A 233 -21.02 3.34 0.63
CA VAL A 233 -20.61 3.64 -0.73
C VAL A 233 -19.31 2.89 -1.01
N HIS A 234 -19.20 2.37 -2.22
CA HIS A 234 -18.03 1.57 -2.58
C HIS A 234 -16.76 2.35 -2.29
N PRO A 235 -15.75 1.72 -1.69
CA PRO A 235 -14.54 2.49 -1.30
C PRO A 235 -13.88 3.19 -2.47
N LEU A 236 -13.84 2.56 -3.64
CA LEU A 236 -13.25 3.22 -4.80
C LEU A 236 -14.04 4.46 -5.17
N ARG A 237 -15.37 4.35 -5.22
CA ARG A 237 -16.19 5.51 -5.53
C ARG A 237 -16.02 6.62 -4.50
N VAL A 238 -15.88 6.25 -3.22
CA VAL A 238 -15.62 7.28 -2.21
C VAL A 238 -14.33 8.02 -2.52
N LEU A 239 -13.26 7.25 -2.82
CA LEU A 239 -11.99 7.85 -3.21
C LEU A 239 -12.16 8.81 -4.38
N PHE A 240 -12.88 8.37 -5.43
CA PHE A 240 -13.16 9.26 -6.55
C PHE A 240 -13.83 10.54 -6.07
N LEU A 241 -14.91 10.41 -5.30
CA LEU A 241 -15.65 11.59 -4.87
C LEU A 241 -14.79 12.48 -3.96
N MET A 242 -14.02 11.87 -3.05
CA MET A 242 -13.26 12.65 -2.08
C MET A 242 -12.29 13.62 -2.74
N THR A 243 -11.75 13.27 -3.90
CA THR A 243 -10.70 14.04 -4.53
C THR A 243 -11.21 14.93 -5.65
N LYS A 244 -12.53 15.00 -5.85
CA LYS A 244 -13.08 16.02 -6.74
C LYS A 244 -12.99 17.38 -6.05
N SER A 245 -12.76 18.42 -6.86
CA SER A 245 -12.61 19.76 -6.28
C SER A 245 -13.91 20.24 -5.64
N GLY A 246 -15.06 19.75 -6.11
CA GLY A 246 -16.33 20.10 -5.53
C GLY A 246 -16.70 19.36 -4.26
N TYR A 247 -15.82 18.49 -3.77
CA TYR A 247 -16.18 17.64 -2.64
C TYR A 247 -16.65 18.47 -1.45
N GLN A 248 -17.79 18.08 -0.88
CA GLN A 248 -18.33 18.72 0.30
C GLN A 248 -17.97 17.89 1.53
N PRO A 249 -17.29 18.46 2.52
CA PRO A 249 -16.99 17.68 3.73
C PRO A 249 -18.28 17.16 4.35
N PRO A 250 -18.24 15.98 4.95
CA PRO A 250 -19.45 15.41 5.54
C PRO A 250 -19.92 16.19 6.76
N ARG A 251 -21.14 15.84 7.19
CA ARG A 251 -21.79 16.45 8.33
C ARG A 251 -22.52 15.37 9.11
N LEU A 252 -22.87 15.71 10.36
CA LEU A 252 -23.78 14.87 11.13
C LEU A 252 -25.16 14.83 10.48
N LYS A 253 -25.76 13.64 10.47
CA LYS A 253 -27.03 13.41 9.78
C LYS A 253 -28.19 14.13 10.48
N GLU A 254 -28.39 13.86 11.77
CA GLU A 254 -29.51 14.40 12.53
C GLU A 254 -29.13 15.73 13.16
N LYS A 255 -29.75 16.81 12.71
CA LYS A 255 -29.33 18.13 13.14
C LYS A 255 -29.71 18.41 14.59
N GLY A 256 -30.97 18.19 14.94
CA GLY A 256 -31.47 18.59 16.25
C GLY A 256 -30.94 17.75 17.39
N LYS A 257 -30.38 16.57 17.09
CA LYS A 257 -29.86 15.71 18.14
C LYS A 257 -28.58 16.25 18.76
N TRP A 258 -27.88 17.16 18.07
CA TRP A 258 -26.57 17.59 18.50
C TRP A 258 -26.53 19.10 18.64
N SER A 259 -25.70 19.56 19.56
CA SER A 259 -25.60 20.98 19.87
C SER A 259 -24.80 21.71 18.80
N ALA A 260 -24.99 23.03 18.76
CA ALA A 260 -24.22 23.86 17.85
C ALA A 260 -22.71 23.64 18.04
N ALA A 261 -22.26 23.50 19.28
CA ALA A 261 -20.84 23.30 19.52
C ALA A 261 -20.34 22.04 18.83
N PHE A 262 -21.11 20.95 18.91
CA PHE A 262 -20.71 19.70 18.24
C PHE A 262 -20.69 19.88 16.73
N HIS A 263 -21.75 20.49 16.17
CA HIS A 263 -21.77 20.75 14.73
C HIS A 263 -20.55 21.57 14.31
N ASN A 264 -20.20 22.58 15.11
CA ASN A 264 -19.07 23.43 14.75
C ASN A 264 -17.75 22.69 14.87
N PHE A 265 -17.64 21.80 15.86
CA PHE A 265 -16.46 20.95 15.96
C PHE A 265 -16.28 20.10 14.70
N ILE A 266 -17.37 19.54 14.19
CA ILE A 266 -17.29 18.78 12.95
C ILE A 266 -16.90 19.70 11.79
N LYS A 267 -17.47 20.92 11.77
CA LYS A 267 -17.20 21.84 10.68
C LYS A 267 -15.72 22.17 10.56
N VAL A 268 -15.06 22.45 11.69
CA VAL A 268 -13.71 22.99 11.61
C VAL A 268 -12.65 21.88 11.51
N THR A 269 -12.87 20.71 12.13
CA THR A 269 -11.91 19.64 11.92
C THR A 269 -11.93 19.16 10.48
N LEU A 270 -13.12 19.09 9.88
CA LEU A 270 -13.27 18.62 8.51
C LEU A 270 -13.09 19.75 7.51
N THR A 271 -12.01 20.50 7.68
CA THR A 271 -11.60 21.49 6.70
C THR A 271 -10.78 20.82 5.62
N LYS A 272 -11.11 21.09 4.36
CA LYS A 272 -10.54 20.36 3.24
C LYS A 272 -9.06 20.69 3.06
N SER A 273 -8.73 21.96 2.97
CA SER A 273 -7.33 22.35 2.77
C SER A 273 -6.54 22.13 4.05
N PRO A 274 -5.41 21.42 4.01
CA PRO A 274 -4.61 21.25 5.23
C PRO A 274 -4.04 22.56 5.76
N LYS A 275 -3.83 23.55 4.88
CA LYS A 275 -3.27 24.83 5.31
C LYS A 275 -4.23 25.61 6.20
N LYS A 276 -5.53 25.31 6.15
CA LYS A 276 -6.52 26.00 6.95
C LYS A 276 -7.05 25.13 8.08
N ARG A 277 -6.62 23.88 8.18
CA ARG A 277 -7.18 22.97 9.18
C ARG A 277 -6.56 23.25 10.55
N PRO A 278 -7.35 23.35 11.61
CA PRO A 278 -6.77 23.67 12.92
C PRO A 278 -5.93 22.53 13.48
N SER A 279 -4.92 22.90 14.26
CA SER A 279 -4.02 21.95 14.88
C SER A 279 -4.67 21.25 16.07
N ALA A 280 -3.96 20.28 16.65
CA ALA A 280 -4.50 19.60 17.81
C ALA A 280 -4.58 20.55 19.00
N THR A 281 -3.53 21.35 19.20
CA THR A 281 -3.56 22.33 20.29
C THR A 281 -4.71 23.31 20.12
N LYS A 282 -4.89 23.85 18.91
CA LYS A 282 -5.99 24.79 18.71
C LYS A 282 -7.33 24.12 18.99
N MET A 283 -7.49 22.87 18.58
CA MET A 283 -8.74 22.15 18.81
C MET A 283 -8.99 21.90 20.29
N LEU A 284 -7.94 21.76 21.09
CA LEU A 284 -8.11 21.56 22.52
C LEU A 284 -8.72 22.79 23.20
N SER A 285 -8.69 23.94 22.54
CA SER A 285 -9.36 25.14 23.02
C SER A 285 -10.80 25.24 22.54
N HIS A 286 -11.31 24.25 21.82
CA HIS A 286 -12.67 24.34 21.28
C HIS A 286 -13.70 24.13 22.38
N GLN A 287 -14.81 24.87 22.27
CA GLN A 287 -15.86 24.80 23.27
C GLN A 287 -16.23 23.35 23.60
N LEU A 288 -16.37 22.51 22.57
CA LEU A 288 -16.88 21.16 22.79
C LEU A 288 -16.02 20.37 23.76
N VAL A 289 -14.69 20.44 23.63
CA VAL A 289 -13.77 19.68 24.47
C VAL A 289 -13.26 20.47 25.66
N SER A 290 -13.61 21.77 25.76
CA SER A 290 -13.17 22.60 26.87
C SER A 290 -14.22 22.73 27.96
N GLN A 291 -15.44 22.24 27.72
CA GLN A 291 -16.52 22.43 28.65
C GLN A 291 -16.29 21.62 29.93
N PRO A 292 -16.88 22.06 31.05
CA PRO A 292 -16.73 21.32 32.30
C PRO A 292 -17.49 20.00 32.26
N GLY A 293 -17.15 19.13 33.19
CA GLY A 293 -17.87 17.89 33.34
C GLY A 293 -17.43 16.77 32.43
N LEU A 294 -16.32 16.93 31.71
CA LEU A 294 -15.78 15.86 30.89
C LEU A 294 -14.79 15.08 31.75
N ASN A 295 -15.14 13.84 32.07
CA ASN A 295 -14.26 12.97 32.85
C ASN A 295 -14.65 11.52 32.58
N ARG A 296 -13.80 10.62 33.06
CA ARG A 296 -13.98 9.20 32.79
C ARG A 296 -15.30 8.66 33.32
N GLY A 297 -15.94 9.35 34.26
CA GLY A 297 -17.27 8.95 34.68
C GLY A 297 -18.23 8.74 33.52
N LEU A 298 -18.13 9.58 32.49
CA LEU A 298 -19.01 9.43 31.34
C LEU A 298 -18.82 8.07 30.67
N ILE A 299 -17.58 7.58 30.64
CA ILE A 299 -17.30 6.29 30.01
C ILE A 299 -17.60 5.14 30.97
N LEU A 300 -17.41 5.33 32.27
CA LEU A 300 -17.88 4.33 33.22
C LEU A 300 -19.36 4.03 33.02
N ASP A 301 -20.17 5.06 32.75
CA ASP A 301 -21.58 4.84 32.44
C ASP A 301 -21.73 3.95 31.20
N LEU A 302 -20.93 4.22 30.16
CA LEU A 302 -20.98 3.42 28.95
C LEU A 302 -20.59 1.97 29.22
N LEU A 303 -19.56 1.78 30.07
CA LEU A 303 -19.08 0.43 30.35
C LEU A 303 -20.08 -0.35 31.20
N ASP A 304 -20.82 0.31 32.08
CA ASP A 304 -21.92 -0.37 32.76
C ASP A 304 -22.97 -0.83 31.75
N LYS A 305 -23.36 0.05 30.84
CA LYS A 305 -24.29 -0.35 29.77
C LYS A 305 -23.74 -1.53 28.99
N LEU A 306 -22.44 -1.50 28.68
CA LEU A 306 -21.84 -2.58 27.90
C LEU A 306 -21.94 -3.91 28.62
N LYS A 307 -21.74 -3.91 29.93
CA LYS A 307 -21.63 -5.16 30.69
C LYS A 307 -22.97 -5.67 31.21
N ASN A 308 -23.93 -4.79 31.46
CA ASN A 308 -25.15 -5.17 32.16
C ASN A 308 -26.43 -4.86 31.42
N GLY A 309 -26.37 -4.23 30.25
CA GLY A 309 -27.57 -3.85 29.53
C GLY A 309 -28.03 -2.44 29.86
N ASN A 310 -28.92 -1.93 29.01
CA ASN A 310 -29.31 -0.53 29.10
C ASN A 310 -29.96 -0.22 30.45
N SER A 311 -31.05 -0.91 30.76
CA SER A 311 -31.79 -0.66 32.00
C SER A 311 -30.87 -0.73 33.22
N ILE B 23 -17.50 -5.14 -23.85
CA ILE B 23 -17.40 -6.32 -23.02
C ILE B 23 -18.41 -7.37 -23.50
N PHE B 24 -18.09 -8.65 -23.28
CA PHE B 24 -18.98 -9.76 -23.58
C PHE B 24 -19.46 -10.38 -22.28
N ASN B 25 -20.76 -10.68 -22.21
CA ASN B 25 -21.35 -11.32 -21.04
C ASN B 25 -21.57 -12.81 -21.27
N ARG B 26 -20.63 -13.47 -21.94
CA ARG B 26 -20.67 -14.88 -22.22
C ARG B 26 -19.58 -15.60 -21.43
N ASP B 27 -19.59 -16.93 -21.51
CA ASP B 27 -18.43 -17.70 -21.08
C ASP B 27 -17.38 -17.63 -22.18
N PRO B 28 -16.17 -17.18 -21.89
CA PRO B 28 -15.16 -17.07 -22.95
C PRO B 28 -14.86 -18.40 -23.61
N ARG B 29 -15.03 -19.51 -22.89
CA ARG B 29 -14.76 -20.83 -23.48
C ARG B 29 -15.71 -21.15 -24.63
N ASP B 30 -16.80 -20.40 -24.78
CA ASP B 30 -17.60 -20.51 -25.99
C ASP B 30 -16.80 -20.13 -27.22
N HIS B 31 -15.85 -19.19 -27.07
CA HIS B 31 -15.10 -18.66 -28.19
C HIS B 31 -13.65 -19.14 -28.27
N TYR B 32 -13.12 -19.73 -27.20
CA TYR B 32 -11.73 -20.16 -27.18
C TYR B 32 -11.62 -21.53 -26.53
N ASP B 33 -10.61 -22.28 -26.96
CA ASP B 33 -10.21 -23.52 -26.31
C ASP B 33 -9.05 -23.23 -25.39
N LEU B 34 -9.18 -23.60 -24.12
CA LEU B 34 -8.06 -23.51 -23.19
C LEU B 34 -7.03 -24.58 -23.53
N LEU B 35 -5.79 -24.16 -23.72
CA LEU B 35 -4.69 -25.08 -24.02
C LEU B 35 -3.93 -25.45 -22.76
N GLN B 36 -3.37 -24.47 -22.04
CA GLN B 36 -2.65 -24.77 -20.82
C GLN B 36 -2.55 -23.52 -19.95
N ARG B 37 -2.30 -23.75 -18.67
CA ARG B 37 -2.10 -22.69 -17.69
C ARG B 37 -0.64 -22.23 -17.75
N LEU B 38 -0.43 -20.95 -18.04
CA LEU B 38 0.91 -20.40 -18.18
C LEU B 38 1.45 -19.77 -16.91
N GLY B 39 0.57 -19.35 -16.01
CA GLY B 39 0.98 -18.67 -14.81
C GLY B 39 -0.20 -18.20 -14.00
N GLY B 40 -0.18 -18.47 -12.69
CA GLY B 40 -1.24 -18.02 -11.82
C GLY B 40 -0.68 -17.24 -10.66
N GLY B 41 -1.52 -16.96 -9.68
CA GLY B 41 -1.07 -16.26 -8.49
C GLY B 41 -2.23 -15.55 -7.83
N THR B 42 -1.87 -14.82 -6.77
CA THR B 42 -2.88 -14.11 -5.99
C THR B 42 -3.68 -13.15 -6.88
N TYR B 43 -3.02 -12.54 -7.87
CA TYR B 43 -3.61 -11.41 -8.59
C TYR B 43 -4.01 -11.75 -10.03
N GLY B 44 -4.04 -13.02 -10.39
CA GLY B 44 -4.52 -13.40 -11.70
C GLY B 44 -3.97 -14.72 -12.15
N GLU B 45 -4.64 -15.29 -13.15
CA GLU B 45 -4.23 -16.52 -13.80
C GLU B 45 -4.23 -16.30 -15.30
N VAL B 46 -3.21 -16.81 -15.97
CA VAL B 46 -3.00 -16.60 -17.40
C VAL B 46 -3.00 -17.94 -18.10
N PHE B 47 -3.74 -18.03 -19.21
CA PHE B 47 -3.88 -19.26 -19.96
C PHE B 47 -3.48 -19.05 -21.41
N LYS B 48 -2.84 -20.06 -21.99
CA LYS B 48 -2.66 -20.13 -23.43
C LYS B 48 -3.91 -20.75 -24.04
N ALA B 49 -4.47 -20.08 -25.05
CA ALA B 49 -5.71 -20.51 -25.65
C ALA B 49 -5.65 -20.32 -27.16
N ARG B 50 -6.57 -20.99 -27.86
CA ARG B 50 -6.69 -20.90 -29.31
C ARG B 50 -8.09 -20.47 -29.70
N ASP B 51 -8.17 -19.53 -30.64
CA ASP B 51 -9.46 -19.08 -31.14
C ASP B 51 -10.11 -20.19 -31.97
N LYS B 52 -11.41 -20.38 -31.77
CA LYS B 52 -12.11 -21.46 -32.45
C LYS B 52 -12.28 -21.17 -33.93
N VAL B 53 -12.84 -20.00 -34.27
CA VAL B 53 -13.14 -19.70 -35.66
C VAL B 53 -11.88 -19.42 -36.45
N SER B 54 -10.86 -18.82 -35.84
CA SER B 54 -9.67 -18.40 -36.55
C SER B 54 -8.43 -19.26 -36.28
N GLY B 55 -8.40 -20.00 -35.19
CA GLY B 55 -7.25 -20.83 -34.86
C GLY B 55 -6.08 -20.10 -34.26
N ASP B 56 -6.18 -18.81 -34.01
CA ASP B 56 -5.05 -18.03 -33.51
C ASP B 56 -4.82 -18.30 -32.03
N LEU B 57 -3.54 -18.34 -31.64
CA LEU B 57 -3.19 -18.45 -30.23
C LEU B 57 -3.34 -17.11 -29.54
N VAL B 58 -3.81 -17.15 -28.29
CA VAL B 58 -4.04 -15.95 -27.49
C VAL B 58 -3.64 -16.24 -26.05
N ALA B 59 -3.57 -15.17 -25.26
CA ALA B 59 -3.38 -15.26 -23.82
C ALA B 59 -4.66 -14.75 -23.15
N LEU B 60 -5.17 -15.52 -22.20
CA LEU B 60 -6.34 -15.15 -21.42
C LEU B 60 -5.92 -14.96 -19.98
N LYS B 61 -6.15 -13.76 -19.45
CA LYS B 61 -5.91 -13.47 -18.04
C LYS B 61 -7.25 -13.43 -17.30
N MET B 62 -7.42 -14.35 -16.35
CA MET B 62 -8.62 -14.43 -15.54
C MET B 62 -8.38 -13.70 -14.22
N VAL B 63 -9.27 -12.77 -13.89
CA VAL B 63 -9.27 -12.08 -12.61
C VAL B 63 -10.59 -12.37 -11.93
N LYS B 64 -10.53 -12.82 -10.68
CA LYS B 64 -11.75 -13.07 -9.92
C LYS B 64 -12.32 -11.77 -9.38
N MET B 65 -13.64 -11.62 -9.50
CA MET B 65 -14.33 -10.41 -9.07
C MET B 65 -15.19 -10.70 -7.84
N GLU B 66 -15.56 -9.63 -7.16
CA GLU B 66 -16.47 -9.66 -6.04
C GLU B 66 -17.82 -9.09 -6.44
N PRO B 67 -18.89 -9.43 -5.73
CA PRO B 67 -20.05 -8.52 -5.73
C PRO B 67 -19.67 -7.16 -5.17
N ASP B 68 -18.79 -7.14 -4.15
CA ASP B 68 -18.24 -5.91 -3.60
C ASP B 68 -17.37 -5.16 -4.59
N ASP B 69 -17.22 -5.67 -5.81
CA ASP B 69 -16.52 -4.95 -6.84
C ASP B 69 -17.48 -4.02 -7.58
N ASP B 70 -16.89 -3.14 -8.41
CA ASP B 70 -17.61 -2.04 -9.04
C ASP B 70 -17.38 -2.13 -10.54
N VAL B 71 -18.40 -2.58 -11.29
CA VAL B 71 -18.23 -2.77 -12.72
C VAL B 71 -18.26 -1.45 -13.48
N SER B 72 -18.77 -0.38 -12.87
CA SER B 72 -18.78 0.91 -13.55
C SER B 72 -17.36 1.37 -13.85
N THR B 73 -16.47 1.32 -12.85
CA THR B 73 -15.11 1.81 -13.03
C THR B 73 -14.38 1.03 -14.13
N LEU B 74 -14.39 -0.29 -14.03
CA LEU B 74 -13.68 -1.10 -15.03
C LEU B 74 -14.32 -0.96 -16.41
N GLN B 75 -15.63 -0.69 -16.47
CA GLN B 75 -16.27 -0.48 -17.77
C GLN B 75 -15.62 0.69 -18.50
N LYS B 76 -15.30 1.76 -17.77
CA LYS B 76 -14.68 2.92 -18.40
C LYS B 76 -13.24 2.61 -18.83
N GLU B 77 -12.48 1.95 -17.97
CA GLU B 77 -11.11 1.59 -18.32
C GLU B 77 -11.08 0.65 -19.52
N ILE B 78 -12.12 -0.18 -19.68
CA ILE B 78 -12.18 -1.07 -20.83
C ILE B 78 -12.16 -0.27 -22.13
N LEU B 79 -12.93 0.82 -22.19
CA LEU B 79 -13.07 1.56 -23.44
C LEU B 79 -11.74 2.10 -23.94
N ILE B 80 -10.85 2.47 -23.02
CA ILE B 80 -9.56 3.03 -23.43
C ILE B 80 -8.77 2.01 -24.24
N LEU B 81 -8.58 0.81 -23.67
CA LEU B 81 -7.84 -0.23 -24.36
C LEU B 81 -8.53 -0.61 -25.67
N LYS B 82 -9.85 -0.63 -25.66
CA LYS B 82 -10.61 -0.95 -26.86
C LYS B 82 -10.36 0.04 -27.98
N THR B 83 -9.86 1.23 -27.67
CA THR B 83 -9.71 2.32 -28.62
C THR B 83 -8.28 2.57 -29.06
N CYS B 84 -7.31 2.42 -28.16
CA CYS B 84 -5.97 2.98 -28.34
C CYS B 84 -4.93 1.86 -28.40
N ARG B 85 -4.05 1.94 -29.39
CA ARG B 85 -3.08 0.89 -29.69
C ARG B 85 -1.65 1.45 -29.69
N HIS B 86 -0.68 0.54 -29.64
CA HIS B 86 0.73 0.81 -29.90
C HIS B 86 1.43 -0.52 -30.06
N ALA B 87 2.39 -0.57 -31.00
CA ALA B 87 3.03 -1.84 -31.32
C ALA B 87 3.69 -2.47 -30.10
N ASN B 88 4.35 -1.67 -29.27
CA ASN B 88 5.06 -2.18 -28.10
C ASN B 88 4.15 -2.42 -26.89
N ILE B 89 2.83 -2.35 -27.06
CA ILE B 89 1.88 -2.67 -26.01
C ILE B 89 1.15 -3.94 -26.40
N VAL B 90 1.04 -4.88 -25.46
CA VAL B 90 0.34 -6.12 -25.73
C VAL B 90 -1.06 -5.81 -26.25
N ALA B 91 -1.42 -6.44 -27.36
CA ALA B 91 -2.68 -6.11 -28.03
C ALA B 91 -3.89 -6.59 -27.22
N TYR B 92 -4.91 -5.75 -27.17
CA TYR B 92 -6.17 -6.09 -26.53
C TYR B 92 -7.14 -6.65 -27.57
N HIS B 93 -7.71 -7.82 -27.28
CA HIS B 93 -8.61 -8.50 -28.22
C HIS B 93 -10.05 -8.59 -27.74
N GLY B 94 -10.30 -8.53 -26.44
CA GLY B 94 -11.64 -8.65 -25.93
C GLY B 94 -11.64 -9.02 -24.46
N SER B 95 -12.82 -8.90 -23.87
CA SER B 95 -13.00 -9.17 -22.44
C SER B 95 -14.33 -9.87 -22.22
N TYR B 96 -14.38 -10.68 -21.16
CA TYR B 96 -15.57 -11.47 -20.84
C TYR B 96 -15.82 -11.42 -19.34
N LEU B 97 -17.06 -11.11 -18.97
CA LEU B 97 -17.51 -11.16 -17.58
C LEU B 97 -18.47 -12.32 -17.43
N TRP B 98 -18.15 -13.26 -16.54
CA TRP B 98 -18.94 -14.48 -16.40
C TRP B 98 -18.57 -15.15 -15.08
N LEU B 99 -19.59 -15.53 -14.31
CA LEU B 99 -19.38 -16.24 -13.04
C LEU B 99 -18.48 -15.43 -12.12
N GLN B 100 -18.66 -14.10 -12.11
CA GLN B 100 -17.84 -13.20 -11.32
C GLN B 100 -16.35 -13.35 -11.65
N LYS B 101 -16.04 -13.73 -12.88
CA LYS B 101 -14.67 -13.83 -13.35
C LYS B 101 -14.51 -12.94 -14.57
N LEU B 102 -13.49 -12.08 -14.54
CA LEU B 102 -13.18 -11.21 -15.66
C LEU B 102 -12.02 -11.82 -16.44
N TRP B 103 -12.23 -12.04 -17.73
CA TRP B 103 -11.21 -12.53 -18.64
C TRP B 103 -10.82 -11.41 -19.58
N ILE B 104 -9.52 -11.20 -19.74
CA ILE B 104 -8.97 -10.27 -20.71
C ILE B 104 -8.19 -11.09 -21.73
N CYS B 105 -8.58 -10.97 -23.00
CA CYS B 105 -7.92 -11.67 -24.09
C CYS B 105 -6.87 -10.74 -24.70
N MET B 106 -5.64 -11.24 -24.81
CA MET B 106 -4.50 -10.42 -25.20
C MET B 106 -3.66 -11.16 -26.23
N GLU B 107 -2.78 -10.37 -26.87
CA GLU B 107 -1.74 -10.88 -27.74
C GLU B 107 -0.87 -11.89 -26.99
N PHE B 108 -0.61 -13.03 -27.64
CA PHE B 108 0.20 -14.08 -27.05
C PHE B 108 1.67 -13.88 -27.40
N CYS B 109 2.51 -13.92 -26.38
CA CYS B 109 3.96 -13.74 -26.51
C CYS B 109 4.63 -15.06 -26.15
N GLY B 110 5.14 -15.76 -27.17
CA GLY B 110 5.51 -17.15 -27.01
C GLY B 110 6.77 -17.38 -26.18
N ALA B 111 7.64 -16.39 -26.08
CA ALA B 111 8.88 -16.56 -25.33
C ALA B 111 8.77 -16.18 -23.86
N GLY B 112 7.61 -15.70 -23.41
CA GLY B 112 7.47 -15.32 -22.01
C GLY B 112 8.07 -13.97 -21.70
N SER B 113 8.68 -13.85 -20.52
CA SER B 113 9.32 -12.63 -20.08
C SER B 113 10.84 -12.73 -20.26
N LEU B 114 11.50 -11.58 -20.20
CA LEU B 114 12.96 -11.57 -20.25
C LEU B 114 13.55 -12.28 -19.04
N GLN B 115 12.87 -12.24 -17.90
CA GLN B 115 13.33 -12.99 -16.74
C GLN B 115 13.29 -14.49 -17.01
N ASP B 116 12.23 -14.98 -17.65
CA ASP B 116 12.19 -16.39 -18.04
C ASP B 116 13.34 -16.73 -18.97
N ILE B 117 13.78 -15.77 -19.78
CA ILE B 117 14.81 -16.07 -20.77
C ILE B 117 16.19 -16.00 -20.15
N TYR B 118 16.51 -14.90 -19.45
CA TYR B 118 17.88 -14.76 -18.98
C TYR B 118 18.20 -15.71 -17.84
N GLN B 119 17.20 -16.22 -17.11
CA GLN B 119 17.47 -17.25 -16.12
C GLN B 119 18.04 -18.51 -16.75
N VAL B 120 17.86 -18.68 -18.06
CA VAL B 120 18.44 -19.81 -18.79
C VAL B 120 19.66 -19.39 -19.60
N THR B 121 19.56 -18.27 -20.31
CA THR B 121 20.60 -17.87 -21.23
C THR B 121 21.79 -17.20 -20.55
N GLY B 122 21.59 -16.67 -19.34
CA GLY B 122 22.59 -15.78 -18.76
C GLY B 122 22.34 -14.35 -19.17
N SER B 123 23.25 -13.48 -18.74
CA SER B 123 23.06 -12.04 -18.92
C SER B 123 23.03 -11.66 -20.39
N LEU B 124 22.35 -10.54 -20.68
CA LEU B 124 22.23 -10.06 -22.04
C LEU B 124 23.43 -9.22 -22.45
N SER B 125 23.69 -9.16 -23.75
CA SER B 125 24.71 -8.28 -24.29
C SER B 125 24.23 -6.84 -24.29
N GLU B 126 25.18 -5.90 -24.39
CA GLU B 126 24.80 -4.50 -24.36
C GLU B 126 23.88 -4.15 -25.54
N LEU B 127 24.14 -4.72 -26.71
CA LEU B 127 23.28 -4.40 -27.86
C LEU B 127 21.86 -4.89 -27.62
N GLN B 128 21.70 -6.12 -27.14
CA GLN B 128 20.39 -6.65 -26.82
C GLN B 128 19.68 -5.78 -25.79
N ILE B 129 20.40 -5.34 -24.76
CA ILE B 129 19.80 -4.46 -23.76
C ILE B 129 19.44 -3.12 -24.38
N SER B 130 20.31 -2.58 -25.25
CA SER B 130 20.00 -1.35 -25.94
C SER B 130 18.69 -1.45 -26.71
N TYR B 131 18.48 -2.58 -27.41
CA TYR B 131 17.25 -2.76 -28.16
C TYR B 131 16.06 -2.89 -27.23
N VAL B 132 16.22 -3.63 -26.14
CA VAL B 132 15.11 -3.76 -25.19
C VAL B 132 14.74 -2.40 -24.63
N CYS B 133 15.73 -1.61 -24.24
CA CYS B 133 15.43 -0.30 -23.65
C CYS B 133 14.76 0.63 -24.65
N ARG B 134 15.18 0.60 -25.92
CA ARG B 134 14.53 1.43 -26.93
C ARG B 134 13.05 1.08 -27.05
N GLU B 135 12.74 -0.20 -27.21
CA GLU B 135 11.36 -0.63 -27.38
C GLU B 135 10.53 -0.35 -26.13
N VAL B 136 11.12 -0.55 -24.95
CA VAL B 136 10.37 -0.26 -23.72
C VAL B 136 10.09 1.23 -23.62
N LEU B 137 11.07 2.06 -24.00
CA LEU B 137 10.85 3.50 -23.96
C LEU B 137 9.76 3.93 -24.93
N GLN B 138 9.69 3.30 -26.11
CA GLN B 138 8.63 3.62 -27.06
C GLN B 138 7.26 3.31 -26.45
N GLY B 139 7.13 2.13 -25.84
CA GLY B 139 5.88 1.82 -25.16
C GLY B 139 5.60 2.76 -24.00
N LEU B 140 6.64 3.13 -23.24
CA LEU B 140 6.43 4.05 -22.13
C LEU B 140 6.00 5.42 -22.63
N ALA B 141 6.71 5.96 -23.62
CA ALA B 141 6.32 7.25 -24.17
C ALA B 141 4.85 7.27 -24.55
N TYR B 142 4.37 6.16 -25.11
CA TYR B 142 2.96 6.07 -25.49
C TYR B 142 2.06 6.04 -24.26
N LEU B 143 2.37 5.16 -23.30
CA LEU B 143 1.55 5.07 -22.10
C LEU B 143 1.47 6.41 -21.38
N HIS B 144 2.60 7.09 -21.23
CA HIS B 144 2.61 8.38 -20.55
C HIS B 144 1.78 9.41 -21.32
N SER B 145 1.81 9.36 -22.65
CA SER B 145 0.99 10.28 -23.43
C SER B 145 -0.49 10.05 -23.17
N GLN B 146 -0.89 8.80 -22.91
CA GLN B 146 -2.25 8.49 -22.48
C GLN B 146 -2.49 8.79 -21.00
N LYS B 147 -1.54 9.47 -20.34
CA LYS B 147 -1.64 9.77 -18.91
C LYS B 147 -1.74 8.49 -18.08
N LYS B 148 -0.95 7.49 -18.46
CA LYS B 148 -0.87 6.23 -17.75
C LYS B 148 0.53 6.02 -17.21
N ILE B 149 0.62 5.20 -16.16
CA ILE B 149 1.89 4.85 -15.53
C ILE B 149 1.93 3.33 -15.45
N HIS B 150 3.03 2.74 -15.90
CA HIS B 150 3.15 1.28 -15.87
C HIS B 150 3.30 0.79 -14.43
N ARG B 151 4.19 1.41 -13.67
CA ARG B 151 4.41 1.23 -12.25
C ARG B 151 5.19 -0.04 -11.91
N ASP B 152 5.42 -0.94 -12.85
CA ASP B 152 6.05 -2.22 -12.52
C ASP B 152 7.00 -2.66 -13.63
N ILE B 153 7.86 -1.76 -14.08
CA ILE B 153 8.82 -2.09 -15.12
C ILE B 153 9.96 -2.91 -14.51
N LYS B 154 10.21 -4.08 -15.10
CA LYS B 154 11.24 -5.03 -14.67
C LYS B 154 11.24 -6.19 -15.65
N GLY B 155 12.31 -6.98 -15.60
CA GLY B 155 12.47 -8.07 -16.55
C GLY B 155 11.29 -9.02 -16.60
N ALA B 156 10.64 -9.25 -15.46
CA ALA B 156 9.52 -10.18 -15.37
C ALA B 156 8.29 -9.66 -16.11
N ASN B 157 8.20 -8.36 -16.37
CA ASN B 157 7.04 -7.77 -17.02
C ASN B 157 7.36 -7.24 -18.41
N ILE B 158 8.52 -7.56 -18.96
CA ILE B 158 8.85 -7.24 -20.34
C ILE B 158 8.71 -8.55 -21.12
N LEU B 159 7.71 -8.61 -21.99
CA LEU B 159 7.36 -9.84 -22.70
C LEU B 159 8.01 -9.86 -24.08
N ILE B 160 8.30 -11.07 -24.56
CA ILE B 160 8.99 -11.30 -25.82
C ILE B 160 8.19 -12.32 -26.61
N ASN B 161 7.92 -12.03 -27.87
CA ASN B 161 7.23 -12.97 -28.74
C ASN B 161 8.24 -13.71 -29.61
N ASP B 162 7.76 -14.74 -30.31
CA ASP B 162 8.67 -15.58 -31.09
C ASP B 162 9.33 -14.83 -32.24
N ALA B 163 8.81 -13.66 -32.60
CA ALA B 163 9.45 -12.82 -33.60
C ALA B 163 10.58 -11.98 -33.01
N GLY B 164 10.85 -12.10 -31.71
CA GLY B 164 11.86 -11.29 -31.06
C GLY B 164 11.45 -9.86 -30.76
N GLU B 165 10.16 -9.54 -30.81
CA GLU B 165 9.68 -8.19 -30.53
C GLU B 165 9.41 -8.03 -29.04
N VAL B 166 9.38 -6.76 -28.59
CA VAL B 166 9.28 -6.41 -27.18
C VAL B 166 7.90 -5.81 -26.90
N ARG B 167 7.27 -6.24 -25.81
CA ARG B 167 5.92 -5.81 -25.48
C ARG B 167 5.80 -5.50 -23.99
N LEU B 168 5.01 -4.48 -23.66
CA LEU B 168 4.61 -4.19 -22.29
C LEU B 168 3.13 -4.49 -22.14
N ALA B 169 2.74 -4.97 -20.97
CA ALA B 169 1.35 -5.26 -20.64
C ALA B 169 0.74 -4.08 -19.90
N ASP B 170 -0.42 -3.63 -20.36
CA ASP B 170 -1.19 -2.58 -19.67
C ASP B 170 -2.18 -3.26 -18.73
N PHE B 171 -1.93 -3.19 -17.43
CA PHE B 171 -2.72 -3.89 -16.43
C PHE B 171 -3.61 -2.96 -15.61
N GLY B 172 -3.77 -1.70 -16.02
CA GLY B 172 -4.47 -0.75 -15.20
C GLY B 172 -5.84 -1.22 -14.72
N ILE B 173 -6.51 -2.04 -15.53
CA ILE B 173 -7.84 -2.51 -15.16
C ILE B 173 -7.77 -3.42 -13.94
N SER B 174 -6.86 -4.39 -13.97
CA SER B 174 -6.82 -5.39 -12.91
C SER B 174 -6.60 -4.75 -11.53
N ALA B 175 -5.97 -3.58 -11.49
CA ALA B 175 -5.58 -3.01 -10.20
C ALA B 175 -6.75 -2.40 -9.43
N GLN B 176 -7.94 -2.29 -10.04
CA GLN B 176 -9.07 -1.66 -9.35
C GLN B 176 -10.22 -2.64 -9.13
N ILE B 177 -9.99 -3.93 -9.25
CA ILE B 177 -11.00 -4.95 -8.99
C ILE B 177 -10.32 -6.15 -8.34
N GLY B 178 -11.14 -7.06 -7.82
CA GLY B 178 -10.65 -8.34 -7.36
C GLY B 178 -9.66 -8.22 -6.23
N ALA B 179 -8.71 -9.15 -6.21
CA ALA B 179 -7.76 -9.23 -5.11
C ALA B 179 -6.88 -7.98 -5.02
N GLU B 180 -6.45 -7.46 -6.18
CA GLU B 180 -5.58 -6.29 -6.18
C GLU B 180 -6.21 -5.13 -5.43
N LEU B 181 -7.49 -4.85 -5.72
CA LEU B 181 -8.20 -3.80 -4.99
C LEU B 181 -8.29 -4.12 -3.51
N ALA B 182 -8.63 -5.37 -3.15
CA ALA B 182 -8.77 -5.73 -1.75
C ALA B 182 -7.47 -5.49 -0.98
N ARG B 183 -6.35 -5.99 -1.53
CA ARG B 183 -5.07 -5.79 -0.85
C ARG B 183 -4.74 -4.31 -0.73
N ARG B 184 -5.03 -3.54 -1.78
CA ARG B 184 -4.79 -2.09 -1.71
C ARG B 184 -5.56 -1.49 -0.54
N LEU B 185 -6.85 -1.80 -0.43
CA LEU B 185 -7.64 -1.29 0.70
C LEU B 185 -7.04 -1.75 2.03
N GLU B 186 -6.55 -2.99 2.07
CA GLU B 186 -6.01 -3.54 3.31
C GLU B 186 -4.68 -2.87 3.68
N PHE B 187 -3.78 -2.73 2.72
CA PHE B 187 -2.44 -2.25 3.02
C PHE B 187 -2.37 -0.73 3.06
N ILE B 188 -3.01 -0.06 2.08
CA ILE B 188 -3.01 1.40 2.06
C ILE B 188 -4.09 1.94 2.98
N GLY B 189 -5.24 1.26 3.08
CA GLY B 189 -6.30 1.67 3.98
C GLY B 189 -7.60 1.99 3.26
N THR B 190 -8.71 1.84 3.96
CA THR B 190 -9.98 2.30 3.43
C THR B 190 -9.98 3.83 3.40
N PRO B 191 -10.85 4.43 2.57
CA PRO B 191 -10.83 5.90 2.46
C PRO B 191 -11.64 6.63 3.52
N TYR B 192 -12.52 5.95 4.23
CA TYR B 192 -13.61 6.63 4.92
C TYR B 192 -13.11 7.61 5.98
N TRP B 193 -11.97 7.32 6.60
CA TRP B 193 -11.39 8.21 7.60
C TRP B 193 -10.25 9.06 7.05
N MET B 194 -9.92 8.92 5.77
CA MET B 194 -8.80 9.64 5.20
C MET B 194 -9.16 11.10 4.97
N ALA B 195 -8.19 11.99 5.24
CA ALA B 195 -8.31 13.35 4.79
C ALA B 195 -8.18 13.41 3.27
N PRO B 196 -8.77 14.43 2.62
CA PRO B 196 -8.71 14.48 1.16
C PRO B 196 -7.29 14.47 0.62
N GLU B 197 -6.35 15.16 1.28
CA GLU B 197 -4.98 15.14 0.78
C GLU B 197 -4.36 13.76 0.91
N VAL B 198 -4.77 12.99 1.93
CA VAL B 198 -4.28 11.62 2.06
C VAL B 198 -4.91 10.74 0.98
N ALA B 199 -6.21 10.89 0.75
CA ALA B 199 -6.88 10.08 -0.26
C ALA B 199 -6.26 10.28 -1.64
N ALA B 200 -5.88 11.52 -1.96
CA ALA B 200 -5.31 11.79 -3.28
C ALA B 200 -4.01 11.01 -3.47
N VAL B 201 -3.21 10.87 -2.42
CA VAL B 201 -1.99 10.06 -2.53
C VAL B 201 -2.34 8.60 -2.73
N ALA B 202 -3.29 8.08 -1.94
CA ALA B 202 -3.68 6.69 -2.03
C ALA B 202 -4.27 6.33 -3.39
N LEU B 203 -4.80 7.32 -4.11
CA LEU B 203 -5.49 7.04 -5.37
C LEU B 203 -4.50 6.86 -6.51
N LYS B 204 -3.58 7.81 -6.67
CA LYS B 204 -2.59 7.76 -7.73
C LYS B 204 -1.29 7.10 -7.32
N GLY B 205 -1.18 6.64 -6.07
CA GLY B 205 0.08 6.18 -5.54
C GLY B 205 1.00 7.30 -5.09
N GLY B 206 0.70 8.55 -5.46
CA GLY B 206 1.41 9.70 -4.93
C GLY B 206 2.68 10.07 -5.66
N TYR B 207 2.80 9.74 -6.95
CA TYR B 207 4.03 9.98 -7.69
C TYR B 207 3.66 10.17 -9.17
N ASN B 208 4.69 10.28 -10.00
CA ASN B 208 4.56 10.67 -11.40
C ASN B 208 5.12 9.57 -12.31
N GLU B 209 5.02 9.80 -13.62
CA GLU B 209 5.37 8.77 -14.60
C GLU B 209 6.87 8.60 -14.77
N LEU B 210 7.67 9.58 -14.34
CA LEU B 210 9.12 9.42 -14.41
C LEU B 210 9.61 8.27 -13.55
N CYS B 211 8.77 7.70 -12.69
N CYS B 211 8.78 7.72 -12.67
CA CYS B 211 9.19 6.52 -11.93
CA CYS B 211 9.16 6.51 -11.93
C CYS B 211 9.43 5.32 -12.85
C CYS B 211 9.48 5.37 -12.88
N ASP B 212 8.75 5.27 -13.99
CA ASP B 212 9.01 4.22 -14.96
C ASP B 212 10.41 4.35 -15.56
N ILE B 213 10.93 5.59 -15.65
CA ILE B 213 12.26 5.80 -16.20
C ILE B 213 13.33 5.30 -15.22
N TRP B 214 13.13 5.52 -13.93
CA TRP B 214 14.00 4.92 -12.94
C TRP B 214 13.95 3.40 -13.03
N SER B 215 12.74 2.82 -13.00
CA SER B 215 12.62 1.37 -13.03
C SER B 215 13.29 0.77 -14.27
N LEU B 216 13.34 1.50 -15.39
CA LEU B 216 13.98 0.97 -16.58
C LEU B 216 15.49 0.94 -16.41
N GLY B 217 16.06 1.97 -15.80
CA GLY B 217 17.49 1.93 -15.51
C GLY B 217 17.86 0.74 -14.65
N ILE B 218 17.07 0.47 -13.61
CA ILE B 218 17.33 -0.71 -12.78
C ILE B 218 17.21 -1.98 -13.62
N THR B 219 16.19 -2.04 -14.47
CA THR B 219 15.98 -3.22 -15.31
C THR B 219 17.15 -3.45 -16.24
N ALA B 220 17.76 -2.37 -16.74
CA ALA B 220 18.95 -2.51 -17.58
C ALA B 220 20.07 -3.17 -16.80
N ILE B 221 20.28 -2.77 -15.55
CA ILE B 221 21.25 -3.45 -14.70
C ILE B 221 20.83 -4.90 -14.50
N GLU B 222 19.54 -5.12 -14.23
CA GLU B 222 19.02 -6.47 -14.05
C GLU B 222 19.37 -7.36 -15.22
N LEU B 223 19.16 -6.87 -16.45
CA LEU B 223 19.43 -7.68 -17.63
C LEU B 223 20.92 -7.89 -17.82
N ALA B 224 21.74 -6.93 -17.38
CA ALA B 224 23.19 -7.05 -17.51
C ALA B 224 23.80 -7.95 -16.45
N GLU B 225 23.16 -8.08 -15.28
CA GLU B 225 23.80 -8.74 -14.15
C GLU B 225 22.96 -9.84 -13.53
N LEU B 226 21.74 -10.05 -13.99
CA LEU B 226 20.80 -11.08 -13.57
C LEU B 226 20.12 -10.73 -12.25
N GLN B 227 20.45 -9.60 -11.62
CA GLN B 227 19.78 -9.16 -10.41
C GLN B 227 19.74 -7.64 -10.40
N PRO B 228 18.68 -7.04 -9.86
CA PRO B 228 18.71 -5.61 -9.57
C PRO B 228 19.74 -5.33 -8.48
N PRO B 229 20.22 -4.09 -8.37
CA PRO B 229 21.13 -3.75 -7.26
C PRO B 229 20.47 -3.98 -5.91
N LEU B 230 21.30 -4.33 -4.92
CA LEU B 230 20.87 -4.54 -3.53
C LEU B 230 19.94 -5.73 -3.38
N PHE B 231 19.92 -6.64 -4.37
CA PHE B 231 19.00 -7.76 -4.35
C PHE B 231 19.19 -8.66 -3.15
N ASP B 232 20.41 -8.76 -2.63
CA ASP B 232 20.71 -9.61 -1.49
C ASP B 232 20.50 -8.91 -0.16
N VAL B 233 20.00 -7.67 -0.18
CA VAL B 233 19.83 -6.85 1.00
C VAL B 233 18.36 -6.85 1.41
N HIS B 234 18.12 -6.86 2.71
CA HIS B 234 16.76 -6.90 3.23
C HIS B 234 15.93 -5.79 2.59
N PRO B 235 14.71 -6.10 2.12
CA PRO B 235 13.97 -5.09 1.33
C PRO B 235 13.59 -3.86 2.13
N LEU B 236 13.23 -4.03 3.41
CA LEU B 236 12.92 -2.85 4.23
C LEU B 236 14.16 -1.98 4.37
N ARG B 237 15.30 -2.58 4.70
CA ARG B 237 16.55 -1.83 4.74
C ARG B 237 16.78 -1.09 3.43
N VAL B 238 16.47 -1.72 2.30
CA VAL B 238 16.66 -1.04 1.02
C VAL B 238 15.80 0.22 0.96
N LEU B 239 14.55 0.13 1.41
CA LEU B 239 13.69 1.30 1.44
C LEU B 239 14.27 2.39 2.34
N PHE B 240 14.79 2.00 3.51
CA PHE B 240 15.39 2.98 4.41
C PHE B 240 16.57 3.68 3.74
N LEU B 241 17.44 2.92 3.06
CA LEU B 241 18.62 3.52 2.43
C LEU B 241 18.22 4.50 1.34
N MET B 242 17.21 4.14 0.52
CA MET B 242 16.74 5.03 -0.52
C MET B 242 16.23 6.36 0.02
N THR B 243 15.80 6.39 1.28
CA THR B 243 15.26 7.60 1.89
C THR B 243 16.35 8.54 2.35
N LYS B 244 17.52 8.01 2.72
CA LYS B 244 18.61 8.84 3.22
C LYS B 244 18.89 10.00 2.27
N SER B 245 19.38 11.11 2.84
CA SER B 245 19.67 12.29 2.03
C SER B 245 20.80 12.01 1.04
N GLY B 246 21.83 11.32 1.49
CA GLY B 246 22.99 11.04 0.66
C GLY B 246 22.92 9.71 -0.06
N TYR B 247 21.70 9.26 -0.40
CA TYR B 247 21.57 8.03 -1.16
C TYR B 247 22.32 8.16 -2.48
N GLN B 248 23.12 7.14 -2.81
CA GLN B 248 23.86 7.10 -4.05
C GLN B 248 23.15 6.16 -5.01
N PRO B 249 22.71 6.62 -6.18
CA PRO B 249 22.05 5.71 -7.12
C PRO B 249 22.97 4.59 -7.52
N PRO B 250 22.42 3.41 -7.83
CA PRO B 250 23.26 2.29 -8.24
C PRO B 250 24.03 2.59 -9.52
N ARG B 251 24.96 1.67 -9.82
CA ARG B 251 25.74 1.71 -11.03
C ARG B 251 26.03 0.28 -11.45
N LEU B 252 26.43 0.12 -12.71
CA LEU B 252 26.87 -1.19 -13.18
C LEU B 252 28.11 -1.61 -12.41
N LYS B 253 28.18 -2.91 -12.10
CA LYS B 253 29.28 -3.45 -11.28
C LYS B 253 30.61 -3.44 -12.05
N GLU B 254 30.63 -4.04 -13.25
CA GLU B 254 31.85 -4.14 -14.05
C GLU B 254 31.98 -2.92 -14.96
N LYS B 255 32.94 -2.05 -14.68
CA LYS B 255 33.08 -0.83 -15.46
C LYS B 255 33.49 -1.14 -16.89
N GLY B 256 34.58 -1.89 -17.07
CA GLY B 256 35.19 -2.10 -18.37
C GLY B 256 34.39 -2.95 -19.32
N LYS B 257 33.40 -3.68 -18.82
CA LYS B 257 32.60 -4.56 -19.68
C LYS B 257 31.64 -3.77 -20.56
N TRP B 258 31.35 -2.51 -20.22
CA TRP B 258 30.29 -1.76 -20.86
C TRP B 258 30.81 -0.45 -21.41
N SER B 259 30.15 0.04 -22.46
CA SER B 259 30.55 1.27 -23.10
C SER B 259 30.16 2.47 -22.25
N ALA B 260 30.75 3.62 -22.58
CA ALA B 260 30.45 4.85 -21.86
C ALA B 260 28.99 5.25 -22.04
N ALA B 261 28.45 5.04 -23.24
CA ALA B 261 27.05 5.35 -23.49
C ALA B 261 26.15 4.60 -22.52
N PHE B 262 26.43 3.31 -22.29
CA PHE B 262 25.61 2.52 -21.38
C PHE B 262 25.68 3.08 -19.96
N HIS B 263 26.90 3.34 -19.48
CA HIS B 263 27.08 3.93 -18.15
C HIS B 263 26.34 5.26 -18.03
N ASN B 264 26.43 6.10 -19.08
CA ASN B 264 25.72 7.37 -19.04
C ASN B 264 24.21 7.16 -19.11
N PHE B 265 23.76 6.13 -19.81
CA PHE B 265 22.34 5.81 -19.80
C PHE B 265 21.87 5.49 -18.39
N ILE B 266 22.63 4.65 -17.68
CA ILE B 266 22.28 4.30 -16.31
C ILE B 266 22.24 5.55 -15.44
N LYS B 267 23.31 6.34 -15.49
CA LYS B 267 23.40 7.54 -14.66
C LYS B 267 22.22 8.47 -14.90
N VAL B 268 21.82 8.63 -16.16
CA VAL B 268 20.78 9.59 -16.49
C VAL B 268 19.41 9.07 -16.09
N THR B 269 19.15 7.77 -16.29
CA THR B 269 17.85 7.23 -15.92
C THR B 269 17.68 7.17 -14.40
N LEU B 270 18.76 6.92 -13.68
CA LEU B 270 18.73 6.83 -12.22
C LEU B 270 19.03 8.18 -11.58
N THR B 271 18.37 9.22 -12.08
CA THR B 271 18.47 10.55 -11.48
C THR B 271 17.57 10.61 -10.25
N LYS B 272 18.16 11.02 -9.11
CA LYS B 272 17.44 10.99 -7.86
C LYS B 272 16.20 11.85 -7.90
N SER B 273 16.34 13.11 -8.28
CA SER B 273 15.22 14.03 -8.27
C SER B 273 14.31 13.75 -9.46
N PRO B 274 13.01 13.54 -9.24
CA PRO B 274 12.12 13.39 -10.40
C PRO B 274 12.06 14.62 -11.26
N LYS B 275 12.25 15.80 -10.67
CA LYS B 275 12.24 17.04 -11.42
C LYS B 275 13.43 17.19 -12.36
N LYS B 276 14.39 16.28 -12.29
CA LYS B 276 15.54 16.27 -13.20
C LYS B 276 15.65 14.97 -13.96
N ARG B 277 14.79 14.00 -13.70
CA ARG B 277 14.83 12.74 -14.44
C ARG B 277 14.21 12.95 -15.81
N PRO B 278 14.88 12.54 -16.89
CA PRO B 278 14.34 12.80 -18.23
C PRO B 278 13.09 11.99 -18.55
N SER B 279 12.23 12.60 -19.38
CA SER B 279 11.02 11.95 -19.86
C SER B 279 11.38 10.78 -20.77
N ALA B 280 10.36 9.97 -21.09
CA ALA B 280 10.59 8.85 -21.99
C ALA B 280 10.99 9.35 -23.39
N THR B 281 10.34 10.42 -23.86
CA THR B 281 10.68 10.95 -25.18
C THR B 281 12.11 11.46 -25.22
N LYS B 282 12.53 12.18 -24.18
CA LYS B 282 13.89 12.70 -24.15
C LYS B 282 14.92 11.57 -24.15
N MET B 283 14.58 10.44 -23.52
CA MET B 283 15.54 9.34 -23.45
C MET B 283 15.69 8.64 -24.79
N LEU B 284 14.65 8.66 -25.62
CA LEU B 284 14.78 8.09 -26.95
C LEU B 284 15.79 8.85 -27.81
N SER B 285 16.21 10.03 -27.37
CA SER B 285 17.30 10.75 -28.04
C SER B 285 18.68 10.24 -27.62
N HIS B 286 18.75 9.42 -26.58
CA HIS B 286 20.04 9.05 -26.01
C HIS B 286 20.83 8.15 -26.95
N GLN B 287 22.14 8.37 -26.98
CA GLN B 287 23.01 7.61 -27.88
C GLN B 287 22.76 6.11 -27.80
N LEU B 288 22.54 5.59 -26.58
CA LEU B 288 22.45 4.14 -26.42
C LEU B 288 21.28 3.56 -27.21
N VAL B 289 20.13 4.22 -27.17
CA VAL B 289 18.95 3.70 -27.85
C VAL B 289 18.74 4.32 -29.23
N SER B 290 19.64 5.20 -29.65
CA SER B 290 19.55 5.85 -30.96
C SER B 290 20.42 5.20 -32.01
N GLN B 291 21.42 4.40 -31.63
CA GLN B 291 22.38 3.88 -32.58
C GLN B 291 21.69 2.99 -33.60
N PRO B 292 22.24 2.89 -34.82
CA PRO B 292 21.71 1.93 -35.79
C PRO B 292 21.99 0.50 -35.34
N GLY B 293 21.44 -0.44 -36.10
CA GLY B 293 21.68 -1.85 -35.85
C GLY B 293 20.83 -2.48 -34.78
N LEU B 294 20.05 -1.70 -34.03
CA LEU B 294 19.17 -2.28 -33.01
C LEU B 294 17.90 -2.78 -33.69
N ASN B 295 17.68 -4.09 -33.65
CA ASN B 295 16.50 -4.69 -34.28
C ASN B 295 16.20 -6.02 -33.60
N ARG B 296 15.03 -6.58 -33.95
CA ARG B 296 14.58 -7.81 -33.32
C ARG B 296 15.50 -8.99 -33.59
N GLY B 297 16.35 -8.91 -34.62
CA GLY B 297 17.32 -9.97 -34.83
C GLY B 297 18.22 -10.18 -33.62
N LEU B 298 18.46 -9.13 -32.84
CA LEU B 298 19.28 -9.27 -31.64
C LEU B 298 18.62 -10.21 -30.64
N ILE B 299 17.30 -10.15 -30.52
CA ILE B 299 16.60 -11.03 -29.61
C ILE B 299 16.36 -12.41 -30.24
N LEU B 300 16.21 -12.49 -31.57
CA LEU B 300 16.20 -13.81 -32.19
C LEU B 300 17.47 -14.56 -31.86
N ASP B 301 18.60 -13.85 -31.79
CA ASP B 301 19.86 -14.47 -31.39
C ASP B 301 19.78 -14.99 -29.95
N LEU B 302 19.06 -14.26 -29.08
CA LEU B 302 18.92 -14.70 -27.70
C LEU B 302 18.02 -15.94 -27.62
N LEU B 303 16.96 -15.98 -28.43
CA LEU B 303 16.06 -17.14 -28.41
C LEU B 303 16.70 -18.38 -29.00
N ASP B 304 17.57 -18.21 -30.01
CA ASP B 304 18.31 -19.34 -30.53
C ASP B 304 19.20 -19.95 -29.47
N LYS B 305 19.88 -19.11 -28.67
CA LYS B 305 20.67 -19.61 -27.57
C LYS B 305 19.81 -20.31 -26.52
N LEU B 306 18.59 -19.81 -26.32
CA LEU B 306 17.67 -20.46 -25.39
C LEU B 306 17.36 -21.88 -25.83
N LYS B 307 17.08 -22.06 -27.13
CA LYS B 307 16.61 -23.35 -27.63
C LYS B 307 17.73 -24.37 -27.78
N ASN B 308 18.96 -23.92 -28.04
CA ASN B 308 20.07 -24.81 -28.38
C ASN B 308 21.24 -24.52 -27.45
N GLY B 309 21.48 -25.43 -26.51
CA GLY B 309 22.57 -25.29 -25.57
C GLY B 309 22.46 -24.01 -24.76
C1 EDO C . 12.16 -9.77 4.63
O1 EDO C . 12.42 -11.16 4.72
C2 EDO C . 10.86 -9.52 3.88
O2 EDO C . 9.76 -10.02 4.65
H11 EDO C . 12.08 -9.34 5.65
H12 EDO C . 12.99 -9.26 4.13
HO1 EDO C . 13.24 -11.32 5.22
H21 EDO C . 10.90 -10.03 2.92
H22 EDO C . 10.73 -8.46 3.69
HO2 EDO C . 8.94 -9.88 4.16
C1 EDO D . 1.73 5.33 14.18
O1 EDO D . 1.56 3.92 14.03
C2 EDO D . 2.67 5.85 13.10
O2 EDO D . 2.04 5.76 11.81
H11 EDO D . 0.76 5.83 14.10
H12 EDO D . 2.13 5.56 15.17
HO1 EDO D . 0.99 3.59 14.73
H21 EDO D . 2.92 6.89 13.31
H22 EDO D . 3.58 5.26 13.11
HO2 EDO D . 2.70 5.87 11.13
C1 EDO E . -11.29 -7.98 23.99
O1 EDO E . -10.86 -9.17 23.31
C2 EDO E . -10.17 -6.94 23.99
O2 EDO E . -10.07 -6.38 25.31
H11 EDO E . -12.18 -7.57 23.49
H12 EDO E . -11.57 -8.23 25.02
HO1 EDO E . -11.57 -9.82 23.31
H21 EDO E . -10.40 -6.15 23.27
H22 EDO E . -9.23 -7.41 23.70
HO2 EDO E . -9.33 -5.75 25.33
C1 EDO F . 3.93 -3.20 34.70
O1 EDO F . 3.22 -2.03 34.28
C2 EDO F . 4.56 -3.89 33.49
O2 EDO F . 5.16 -5.13 33.88
H11 EDO F . 4.70 -2.94 35.42
H12 EDO F . 3.23 -3.90 35.19
HO1 EDO F . 2.81 -1.62 35.04
H21 EDO F . 5.32 -3.24 33.06
H22 EDO F . 3.79 -4.08 32.73
HO2 EDO F . 5.84 -5.38 33.25
C1 EDO G . -22.42 11.81 4.37
O1 EDO G . -21.61 12.33 3.32
C2 EDO G . -22.68 10.32 4.12
O2 EDO G . -23.15 9.66 5.30
H11 EDO G . -21.92 11.94 5.34
H12 EDO G . -23.38 12.34 4.41
HO1 EDO G . -21.41 13.26 3.50
H21 EDO G . -23.41 10.21 3.33
H22 EDO G . -21.74 9.85 3.79
HO2 EDO G . -23.33 8.73 5.09
C1 EDO H . -27.89 9.92 4.48
O1 EDO H . -26.73 10.76 4.60
C2 EDO H . -27.49 8.50 4.07
O2 EDO H . -27.36 7.68 5.24
H11 EDO H . -28.42 9.88 5.44
H12 EDO H . -28.57 10.34 3.74
HO1 EDO H . -27.01 11.66 4.86
H21 EDO H . -26.54 8.53 3.52
H22 EDO H . -28.25 8.09 3.41
HO2 EDO H . -27.12 6.79 4.97
C1 EDO I . -17.57 -0.84 2.08
O1 EDO I . -17.75 -0.30 3.39
C2 EDO I . -18.87 -0.70 1.28
O2 EDO I . -18.66 -1.09 -0.08
H11 EDO I . -16.77 -0.31 1.57
H12 EDO I . -17.29 -1.89 2.15
HO1 EDO I . -16.93 -0.37 3.89
H21 EDO I . -19.22 0.32 1.33
H22 EDO I . -19.64 -1.35 1.72
HO2 EDO I . -19.48 -1.00 -0.57
C1 GOL J . -18.17 -0.48 12.82
O1 GOL J . -19.29 -1.32 12.93
C2 GOL J . -18.11 0.04 11.35
O2 GOL J . -19.32 0.54 10.92
C3 GOL J . -17.01 1.13 11.36
O3 GOL J . -17.55 2.27 11.97
H11 GOL J . -17.33 -0.94 13.03
H12 GOL J . -18.21 0.27 13.43
HO1 GOL J . -19.92 -0.84 13.21
H2 GOL J . -17.88 -0.69 10.75
HO2 GOL J . -19.64 1.00 11.56
H31 GOL J . -16.72 1.29 10.45
H32 GOL J . -16.22 0.79 11.82
HO3 GOL J . -17.38 2.21 12.80
S DMS K . 9.44 -6.82 34.31
O DMS K . 9.21 -6.96 32.85
C1 DMS K . 8.69 -5.28 34.92
C2 DMS K . 8.44 -8.04 35.22
H11 DMS K . 7.67 -5.26 34.66
H12 DMS K . 9.18 -4.45 34.48
H13 DMS K . 8.79 -5.23 35.97
H21 DMS K . 7.46 -8.05 34.81
H22 DMS K . 8.88 -8.99 35.12
H23 DMS K . 8.39 -7.76 36.24
S DMS L . -6.17 -3.96 17.76
O DMS L . -6.82 -3.16 16.67
C1 DMS L . -6.68 -5.69 17.58
C2 DMS L . -4.39 -4.14 17.46
H11 DMS L . -7.70 -5.79 17.87
H12 DMS L . -6.08 -6.30 18.19
H13 DMS L . -6.57 -5.98 16.57
H21 DMS L . -3.98 -4.78 18.21
H22 DMS L . -3.93 -3.20 17.51
H23 DMS L . -4.23 -4.58 16.51
C4 A1BWC M . 2.57 1.22 -2.60
C5 A1BWC M . 1.57 0.35 -3.25
C6 A1BWC M . 1.74 -0.03 -4.59
C7 A1BWC M . 2.89 0.44 -5.31
C10 A1BWC M . 3.68 1.60 -3.27
C13 A1BWC M . 1.37 3.82 -1.49
C20 A1BWC M . 2.39 0.22 1.46
C21 A1BWC M . 2.19 -0.60 -7.52
C24 A1BWC M . 1.91 -1.65 -9.88
C26 A1BWC M . 2.29 -3.98 -8.87
C28 A1BWC M . 2.54 -6.07 -7.86
C1 A1BWC M . 1.46 2.57 0.64
C14 A1BWC M . 0.68 4.87 -0.76
C16 A1BWC M . 0.81 3.62 1.24
C18 A1BWC M . 1.15 2.11 2.82
C19 A1BWC M . 1.68 1.60 1.62
C2 A1BWC M . 1.75 2.64 -0.74
C25 A1BWC M . 1.24 -2.87 -9.23
C29 A1BWC M . 1.06 -5.88 -9.62
C30 A1BWC M . 0.27 -7.08 -9.11
C32 A1BWC M . 1.79 -7.30 -7.35
C9 A1BWC M . 3.86 1.19 -4.66
F11 A1BWC M . 4.59 2.34 -2.71
F12 A1BWC M . 0.48 -0.04 -2.54
F33 A1BWC M . 2.44 -0.47 2.67
F34 A1BWC M . 1.71 -0.53 0.59
F35 A1BWC M . 3.73 0.43 0.97
N15 A1BWC M . 0.42 4.80 0.50
N17 A1BWC M . 0.64 3.31 2.58
N22 A1BWC M . 2.75 -1.02 -8.89
N27 A1BWC M . 1.65 -5.24 -8.52
N8 A1BWC M . 3.16 0.03 -6.63
O23 A1BWC M . 1.01 -0.76 -7.24
O3 A1BWC M . 2.41 1.55 -1.21
O31 A1BWC M . 1.04 -7.94 -8.35
H61 A1BWC M . 1.01 -0.67 -5.07
H131 A1BWC M . 1.60 3.91 -2.54
H242 A1BWC M . 1.11 -0.91 -10.23
H241 A1BWC M . 2.54 -1.99 -10.77
H262 A1BWC M . 2.97 -4.14 -9.76
H261 A1BWC M . 2.90 -3.62 -7.99
H281 A1BWC M . 3.31 -6.37 -8.54
H282 A1BWC M . 2.97 -5.54 -7.03
H141 A1BWC M . 0.37 5.80 -1.33
H181 A1BWC M . 1.17 1.64 3.71
H251 A1BWC M . 0.76 -2.59 -8.41
H252 A1BWC M . 0.57 -3.26 -9.88
H292 A1BWC M . 0.35 -5.15 -10.16
H291 A1BWC M . 1.87 -6.24 -10.36
H301 A1BWC M . -0.54 -6.72 -8.50
H302 A1BWC M . -0.14 -7.61 -9.94
H321 A1BWC M . 2.54 -8.02 -6.96
H322 A1BWC M . 1.11 -7.00 -6.54
H91 A1BWC M . 4.82 1.51 -5.24
H171 A1BWC M . 0.18 3.91 3.26
H221 A1BWC M . 3.70 -0.86 -9.09
H81 A1BWC M . 4.19 0.21 -7.02
C4 A1BWC N . -3.07 -20.04 26.42
C5 A1BWC N . -2.48 -21.23 27.08
C6 A1BWC N . -2.34 -21.28 28.46
C7 A1BWC N . -2.79 -20.18 29.27
C10 A1BWC N . -3.49 -19.00 27.19
C13 A1BWC N . -0.77 -19.57 24.92
C20 A1BWC N . -4.69 -19.84 22.22
C1 A1BWC N . -2.15 -19.51 22.88
C14 A1BWC N . 0.39 -19.26 24.12
C16 A1BWC N . -0.99 -19.22 22.19
C18 A1BWC N . -2.61 -19.27 20.67
C19 A1BWC N . -3.18 -19.54 21.93
C2 A1BWC N . -2.07 -19.68 24.28
C9 A1BWC N . -3.35 -19.06 28.65
F11 A1BWC N . -4.01 -17.96 26.63
F12 A1BWC N . -2.04 -22.28 26.32
F33 A1BWC N . -5.52 -19.53 21.15
F34 A1BWC N . -4.83 -21.13 22.37
F35 A1BWC N . -5.10 -19.17 23.42
N15 A1BWC N . 0.30 -19.11 22.84
N17 A1BWC N . -1.30 -19.09 20.85
O3 A1BWC N . -3.22 -19.97 24.98
H61 A1BWC N . -1.91 -22.15 28.94
H91 A1BWC N . -3.72 -18.17 29.30
C4 A1BWC O . -7.05 -5.60 21.26
C5 A1BWC O . -7.34 -6.91 20.69
C6 A1BWC O . -8.61 -7.17 20.15
C7 A1BWC O . -9.58 -6.10 20.15
C10 A1BWC O . -7.97 -4.61 21.26
C13 A1BWC O . -6.54 -5.41 24.06
C20 A1BWC O . -3.14 -3.63 21.23
C21 A1BWC O . -11.32 -7.41 18.91
C24 A1BWC O . -13.37 -8.42 17.72
C26 A1BWC O . -15.63 -9.24 17.00
C28 A1BWC O . -17.93 -8.92 17.30
C1 A1BWC O . -4.55 -4.12 23.41
C14 A1BWC O . -6.36 -4.93 25.41
C16 A1BWC O . -4.46 -3.72 24.73
C18 A1BWC O . -2.79 -2.75 23.70
C19 A1BWC O . -3.49 -3.52 22.74
C2 A1BWC O . -5.62 -4.98 23.06
C25 A1BWC O . -14.79 -7.98 17.34
C29 A1BWC O . -16.97 -8.87 15.10
C30 A1BWC O . -18.20 -8.09 14.61
C32 A1BWC O . -19.11 -8.10 16.78
C9 A1BWC O . -9.29 -4.86 20.69
F11 A1BWC O . -7.73 -3.43 21.74
F12 A1BWC O . -6.36 -7.86 20.71
F33 A1BWC O . -2.00 -2.87 20.99
F34 A1BWC O . -2.93 -4.89 20.88
F35 A1BWC O . -4.19 -3.05 20.46
N15 A1BWC O . -5.39 -4.15 25.72
N17 A1BWC O . -3.38 -2.89 24.88
N22 A1BWC O . -12.77 -7.33 18.44
N27 A1BWC O . -16.85 -8.70 16.48
N8 A1BWC O . -10.86 -6.25 19.64
O23 A1BWC O . -10.63 -8.39 18.69
O3 A1BWC O . -5.73 -5.41 21.77
O31 A1BWC O . -19.32 -8.28 15.40
H61 A1BWC O . -8.84 -8.14 19.74
H131 A1BWC O . -7.36 -6.08 23.82
H242 A1BWC O . -12.78 -8.65 16.77
H241 A1BWC O . -13.42 -9.34 18.37
H262 A1BWC O . -15.81 -9.87 17.92
H261 A1BWC O . -15.11 -9.87 16.21
H281 A1BWC O . -17.69 -8.60 18.31
H282 A1BWC O . -18.19 -9.97 17.30
H141 A1BWC O . -7.09 -5.25 26.22
H181 A1BWC O . -1.96 -2.21 23.51
H251 A1BWC O . -15.20 -7.49 18.10
H252 A1BWC O . -14.75 -7.37 16.55
H292 A1BWC O . -16.03 -8.49 14.57
H291 A1BWC O . -17.12 -10.00 14.85
H301 A1BWC O . -18.42 -8.40 13.62
H302 A1BWC O . -17.94 -7.05 14.61
H321 A1BWC O . -20.03 -8.42 17.32
H322 A1BWC O . -18.92 -7.04 16.98
H91 A1BWC O . -10.09 -4.03 20.69
H171 A1BWC O . -3.08 -2.45 25.74
H221 A1BWC O . -13.29 -6.51 18.63
H81 A1BWC O . -11.58 -5.41 19.80
C4 A1BWC P . 4.13 5.93 17.29
C5 A1BWC P . 4.73 4.60 17.05
C6 A1BWC P . 5.62 4.44 15.99
C7 A1BWC P . 5.95 5.56 15.14
C10 A1BWC P . 4.44 6.97 16.48
C13 A1BWC P . 4.70 5.74 20.21
C20 A1BWC P . 0.23 5.20 18.73
C21 A1BWC P . 7.31 6.37 13.17
C24 A1BWC P . 8.79 6.96 11.15
C26 A1BWC P . 7.89 7.76 8.84
C28 A1BWC P . 9.66 7.62 7.32
C1 A1BWC P . 2.34 5.08 20.29
C14 A1BWC P . 4.85 5.20 21.53
C16 A1BWC P . 2.60 4.58 21.56
C18 A1BWC P . 0.46 4.19 21.16
C19 A1BWC P . 1.00 4.84 20.03
C2 A1BWC P . 3.42 5.66 19.58
C25 A1BWC P . 8.21 6.55 9.78
C29 A1BWC P . 8.90 9.71 7.99
C30 A1BWC P . 8.06 9.85 6.72
C32 A1BWC P . 8.99 7.82 5.95
C9 A1BWC P . 5.37 6.80 15.37
F11 A1BWC P . 3.91 8.13 16.68
F12 A1BWC P . 4.44 3.53 17.83
F33 A1BWC P . -1.10 4.87 18.92
F34 A1BWC P . 0.31 6.50 18.46
F35 A1BWC P . 0.75 4.42 17.65
N15 A1BWC P . 3.88 4.65 22.18
N17 A1BWC P . 1.42 4.05 22.05
N22 A1BWC P . 8.32 5.96 12.09
N27 A1BWC P . 9.11 8.36 8.34
N8 A1BWC P . 6.86 5.33 14.09
O23 A1BWC P . 6.93 7.52 13.21
O3 A1BWC P . 3.17 6.18 18.34
O31 A1BWC P . 8.57 9.12 5.66
H61 A1BWC P . 6.08 3.48 15.80
H131 A1BWC P . 5.55 6.21 19.70
H242 A1BWC P . 9.92 6.98 11.10
H241 A1BWC P . 8.40 7.99 11.44
H262 A1BWC P . 7.30 8.54 9.42
H261 A1BWC P . 7.27 7.40 7.97
H281 A1BWC P . 9.58 6.57 7.58
H282 A1BWC P . 10.70 7.89 7.23
H141 A1BWC P . 5.87 5.25 22.03
H181 A1BWC P . -0.49 3.88 21.25
H251 A1BWC P . 7.37 6.04 9.93
H252 A1BWC P . 8.86 5.96 9.32
H292 A1BWC P . 9.92 10.22 7.82
H291 A1BWC P . 8.34 10.24 8.87
H301 A1BWC P . 7.07 9.51 6.93
H302 A1BWC P . 8.02 10.88 6.44
H321 A1BWC P . 9.72 7.52 5.17
H322 A1BWC P . 8.11 7.15 5.91
H91 A1BWC P . 5.63 7.69 14.69
H171 A1BWC P . 1.31 3.61 22.96
H221 A1BWC P . 8.66 5.04 12.04
H81 A1BWC P . 7.26 4.30 13.96
C1 EDO Q . 15.94 -11.27 -10.77
O1 EDO Q . 15.49 -12.45 -11.44
C2 EDO Q . 15.02 -10.99 -9.59
O2 EDO Q . 13.72 -10.62 -10.07
H11 EDO Q . 15.94 -10.42 -11.45
H12 EDO Q . 16.96 -11.42 -10.42
HO1 EDO Q . 16.08 -12.64 -12.18
H21 EDO Q . 14.93 -11.89 -8.96
H22 EDO Q . 15.43 -10.20 -8.97
HO2 EDO Q . 13.14 -10.46 -9.32
C1 EDO R . 5.03 -18.53 -23.00
O1 EDO R . 5.80 -19.69 -22.65
C2 EDO R . 4.45 -17.92 -21.73
O2 EDO R . 5.34 -18.12 -20.61
H11 EDO R . 5.66 -17.80 -23.51
H12 EDO R . 4.22 -18.81 -23.67
HO1 EDO R . 6.17 -20.07 -23.46
H21 EDO R . 4.29 -16.85 -21.89
H22 EDO R . 3.49 -18.37 -21.51
HO2 EDO R . 4.97 -17.68 -19.83
C4 A1BWC S . 2.96 -14.64 -18.81
C5 A1BWC S . 2.64 -15.77 -17.92
C6 A1BWC S . 3.65 -16.51 -17.32
C7 A1BWC S . 5.02 -16.13 -17.59
C10 A1BWC S . 4.25 -14.31 -19.05
C13 A1BWC S . 2.36 -15.10 -21.49
C20 A1BWC S . 0.27 -11.31 -19.68
C21 A1BWC S . 5.96 -17.60 -15.79
C24 A1BWC S . 7.17 -19.08 -14.09
C26 A1BWC S . 8.65 -20.30 -12.46
C28 A1BWC S . 11.00 -20.52 -12.59
C1 A1BWC S . 1.11 -13.00 -21.47
C14 A1BWC S . 2.22 -15.11 -22.93
C16 A1BWC S . 1.02 -13.10 -22.85
C18 A1BWC S . -0.03 -11.23 -22.32
C19 A1BWC S . 0.45 -11.84 -21.12
C2 A1BWC S . 1.79 -14.02 -20.76
C25 A1BWC S . 8.53 -19.72 -13.89
C29 A1BWC S . 9.98 -20.01 -10.56
C30 A1BWC S . 11.29 -19.41 -10.05
C32 A1BWC S . 12.29 -19.86 -12.13
C9 A1BWC S . 5.32 -15.08 -18.43
F11 A1BWC S . 4.57 -13.32 -19.82
F12 A1BWC S . 1.34 -16.09 -17.70
F33 A1BWC S . -0.32 -10.06 -19.74
F34 A1BWC S . -0.48 -12.19 -19.04
F35 A1BWC S . 1.53 -11.21 -19.00
N15 A1BWC S . 1.60 -14.18 -23.55
N17 A1BWC S . 0.34 -12.01 -23.33
N22 A1BWC S . 7.21 -18.33 -15.32
N27 A1BWC S . 9.95 -19.90 -11.95
N8 A1BWC S . 6.08 -16.85 -17.03
O23 A1BWC S . 4.93 -17.66 -15.14
O3 A1BWC S . 1.86 -13.91 -19.38
O31 A1BWC S . 12.42 -19.83 -10.75
H61 A1BWC S . 3.43 -17.35 -16.69
H131 A1BWC S . 2.88 -15.91 -20.98
H242 A1BWC S . 6.36 -19.89 -14.17
H241 A1BWC S . 6.93 -18.38 -13.22
H262 A1BWC S . 7.84 -19.88 -11.79
H261 A1BWC S . 8.58 -21.42 -12.48
H281 A1BWC S . 11.01 -21.57 -12.34
H282 A1BWC S . 10.88 -20.41 -13.66
H141 A1BWC S . 2.69 -15.97 -23.51
H181 A1BWC S . -0.55 -10.39 -22.38
H251 A1BWC S . 9.24 -19.03 -14.03
H252 A1BWC S . 8.65 -20.45 -14.55
H292 A1BWC S . 9.09 -19.43 -10.10
H291 A1BWC S . 9.91 -21.12 -10.26
H301 A1BWC S . 11.23 -18.36 -10.11
H302 A1BWC S . 11.41 -19.70 -9.03
H321 A1BWC S . 12.31 -18.82 -12.52
H322 A1BWC S . 13.14 -20.42 -12.56
H91 A1BWC S . 6.43 -14.81 -18.64
H171 A1BWC S . 0.13 -11.83 -24.32
H221 A1BWC S . 8.05 -18.28 -15.85
H81 A1BWC S . 7.07 -16.84 -17.55
#